data_9MJI
#
_entry.id   9MJI
#
_cell.length_a   70.805
_cell.length_b   82.371
_cell.length_c   162.921
_cell.angle_alpha   90.00
_cell.angle_beta   90.00
_cell.angle_gamma   90.00
#
_symmetry.space_group_name_H-M   'P 21 21 21'
#
loop_
_entity.id
_entity.type
_entity.pdbx_description
1 polymer '9C09 Fab heavy chain'
2 polymer '9C09 Fab light chain'
3 water water
#
loop_
_entity_poly.entity_id
_entity_poly.type
_entity_poly.pdbx_seq_one_letter_code
_entity_poly.pdbx_strand_id
1 'polypeptide(L)'
;QVQVVQSGAEVKKPGASVKVSCKASGYTFTDHYIHWVRQAPGQGLEWMGWINPYRGGTNYAQKFQGRVTMTRDTSINTAY
MELSRLRFDDTAVYYCARPKDCSGGSCYDFDYWGQGTLVTVSSASTKGPSVFPLAPSSKSTSGGTAALGCLVKDYFPEPV
TVSWNSGALTSGVHTFPAVLQSSGLYSLSSVVTVPSSSLGTQTYICNVNHKPSNTKVDKRVEPKSC
;
H,C
2 'polypeptide(L)'
;NIQMTQSPSSLSASVGDRVTITCQASQDISNYLNWYQQKPGKAPKLLIYDASNLETGVPSRFSGSGSGTHFTFTISRLQP
EDIATYYCQVYETFGQGTKVEIKRTVAAPSVFIFPPSDEQLKSGTASVVCLLNNFYPREAKVQWKVDNALQSGNSQESVT
EQDSKDSTYSLSSTLTLSKADYEKHKVYACEVTQGTTSVTKSFNRGEC
;
L,D
#
# COMPACT_ATOMS: atom_id res chain seq x y z
N GLN A 1 -2.30 -26.91 31.30
CA GLN A 1 -2.62 -26.50 29.94
C GLN A 1 -1.50 -26.91 28.99
N VAL A 2 -1.87 -27.27 27.76
CA VAL A 2 -0.89 -27.73 26.77
C VAL A 2 -0.02 -26.56 26.38
N GLN A 3 1.28 -26.65 26.69
CA GLN A 3 2.24 -25.60 26.39
C GLN A 3 3.45 -26.21 25.70
N VAL A 4 4.05 -25.45 24.79
CA VAL A 4 5.29 -25.81 24.14
C VAL A 4 6.21 -24.59 24.21
N VAL A 5 7.34 -24.72 24.89
CA VAL A 5 8.21 -23.60 25.21
C VAL A 5 9.60 -23.90 24.67
N GLN A 6 10.16 -22.95 23.92
CA GLN A 6 11.46 -23.10 23.28
C GLN A 6 12.54 -22.31 24.03
N SER A 7 13.78 -22.58 23.67
CA SER A 7 14.91 -21.88 24.26
C SER A 7 15.04 -20.47 23.69
N GLY A 8 15.86 -19.66 24.35
CA GLY A 8 15.97 -18.26 24.01
C GLY A 8 16.76 -18.01 22.74
N ALA A 9 16.55 -16.82 22.18
CA ALA A 9 17.26 -16.40 20.98
C ALA A 9 18.75 -16.27 21.25
N GLU A 10 19.55 -16.53 20.22
CA GLU A 10 20.99 -16.41 20.33
C GLU A 10 21.60 -16.17 18.96
N VAL A 11 22.84 -15.70 18.95
CA VAL A 11 23.58 -15.43 17.73
C VAL A 11 24.67 -16.49 17.60
N LYS A 12 24.79 -17.06 16.41
CA LYS A 12 25.80 -18.07 16.13
C LYS A 12 26.62 -17.64 14.92
N LYS A 13 27.93 -17.86 15.01
CA LYS A 13 28.82 -17.47 13.92
C LYS A 13 28.55 -18.31 12.67
N PRO A 14 28.81 -17.77 11.48
CA PRO A 14 28.69 -18.57 10.27
C PRO A 14 29.59 -19.80 10.32
N GLY A 15 29.08 -20.91 9.82
CA GLY A 15 29.80 -22.17 9.86
C GLY A 15 29.67 -22.94 11.15
N ALA A 16 29.13 -22.33 12.21
CA ALA A 16 28.91 -23.02 13.47
C ALA A 16 27.56 -23.72 13.43
N SER A 17 27.10 -24.22 14.57
CA SER A 17 25.83 -24.92 14.66
C SER A 17 25.01 -24.36 15.81
N VAL A 18 23.70 -24.48 15.68
CA VAL A 18 22.77 -24.07 16.73
C VAL A 18 21.86 -25.25 17.05
N LYS A 19 21.45 -25.33 18.31
CA LYS A 19 20.55 -26.38 18.77
C LYS A 19 19.43 -25.73 19.58
N VAL A 20 18.22 -25.79 19.07
CA VAL A 20 17.06 -25.14 19.70
C VAL A 20 16.24 -26.22 20.41
N SER A 21 15.92 -25.97 21.68
CA SER A 21 15.13 -26.91 22.45
C SER A 21 13.64 -26.59 22.34
N CYS A 22 12.81 -27.59 22.63
CA CYS A 22 11.36 -27.47 22.47
C CYS A 22 10.73 -28.38 23.53
N LYS A 23 10.31 -27.78 24.65
CA LYS A 23 9.81 -28.54 25.79
C LYS A 23 8.28 -28.53 25.76
N ALA A 24 7.68 -29.72 25.77
CA ALA A 24 6.24 -29.89 25.73
C ALA A 24 5.73 -30.30 27.10
N SER A 25 4.57 -29.79 27.47
CA SER A 25 3.94 -30.12 28.75
C SER A 25 2.43 -30.06 28.59
N GLY A 26 1.73 -30.68 29.52
CA GLY A 26 0.28 -30.70 29.49
C GLY A 26 -0.34 -31.78 28.64
N TYR A 27 0.46 -32.66 28.05
CA TYR A 27 -0.06 -33.78 27.28
C TYR A 27 1.04 -34.84 27.19
N THR A 28 0.66 -36.04 26.76
CA THR A 28 1.61 -37.13 26.64
C THR A 28 2.56 -36.85 25.49
N PHE A 29 3.84 -36.66 25.82
CA PHE A 29 4.82 -36.19 24.84
C PHE A 29 4.97 -37.16 23.67
N THR A 30 4.74 -38.45 23.90
CA THR A 30 4.94 -39.45 22.86
C THR A 30 3.73 -39.61 21.94
N ASP A 31 2.58 -39.04 22.28
CA ASP A 31 1.38 -39.22 21.48
C ASP A 31 1.32 -38.30 20.26
N HIS A 32 2.16 -37.28 20.18
CA HIS A 32 2.14 -36.32 19.08
C HIS A 32 3.53 -36.20 18.47
N TYR A 33 3.57 -36.03 17.15
CA TYR A 33 4.81 -35.69 16.47
C TYR A 33 5.22 -34.26 16.80
N ILE A 34 6.50 -33.97 16.59
CA ILE A 34 7.03 -32.61 16.77
C ILE A 34 7.62 -32.17 15.44
N HIS A 35 7.04 -31.14 14.85
CA HIS A 35 7.52 -30.56 13.60
C HIS A 35 8.27 -29.26 13.85
N TRP A 36 9.10 -28.88 12.89
CA TRP A 36 9.84 -27.63 12.95
C TRP A 36 9.55 -26.82 11.68
N VAL A 37 9.24 -25.55 11.86
CA VAL A 37 8.97 -24.62 10.78
C VAL A 37 9.76 -23.34 11.04
N ARG A 38 10.47 -22.85 10.03
CA ARG A 38 11.27 -21.65 10.19
C ARG A 38 10.74 -20.54 9.29
N GLN A 39 11.10 -19.31 9.64
CA GLN A 39 10.59 -18.13 8.94
C GLN A 39 11.69 -17.08 8.90
N ALA A 40 12.26 -16.85 7.71
CA ALA A 40 13.21 -15.78 7.52
C ALA A 40 12.53 -14.43 7.68
N PRO A 41 13.28 -13.38 8.02
CA PRO A 41 12.65 -12.07 8.23
C PRO A 41 11.88 -11.60 7.01
N GLY A 42 10.61 -11.25 7.23
CA GLY A 42 9.76 -10.77 6.16
C GLY A 42 9.43 -11.80 5.10
N GLN A 43 9.49 -13.08 5.43
CA GLN A 43 9.22 -14.15 4.49
C GLN A 43 8.10 -15.03 5.01
N GLY A 44 7.82 -16.12 4.27
CA GLY A 44 6.79 -17.06 4.64
C GLY A 44 7.30 -18.14 5.57
N LEU A 45 6.47 -19.16 5.75
CA LEU A 45 6.77 -20.27 6.64
C LEU A 45 7.29 -21.45 5.84
N GLU A 46 8.35 -22.07 6.35
CA GLU A 46 9.03 -23.15 5.64
C GLU A 46 9.14 -24.37 6.55
N TRP A 47 8.53 -25.48 6.12
CA TRP A 47 8.57 -26.72 6.89
C TRP A 47 9.95 -27.35 6.77
N MET A 48 10.53 -27.73 7.91
CA MET A 48 11.86 -28.31 7.95
C MET A 48 11.83 -29.84 8.10
N GLY A 49 11.04 -30.35 9.04
CA GLY A 49 10.95 -31.79 9.25
C GLY A 49 10.22 -32.09 10.54
N TRP A 50 9.98 -33.38 10.76
CA TRP A 50 9.33 -33.83 11.97
C TRP A 50 10.13 -34.95 12.62
N ILE A 51 9.81 -35.20 13.89
CA ILE A 51 10.37 -36.32 14.65
C ILE A 51 9.24 -36.95 15.45
N ASN A 52 9.23 -38.27 15.52
CA ASN A 52 8.30 -39.00 16.36
C ASN A 52 8.95 -39.21 17.72
N PRO A 53 8.44 -38.61 18.79
CA PRO A 53 9.08 -38.78 20.11
C PRO A 53 9.06 -40.21 20.62
N TYR A 54 8.17 -41.06 20.12
CA TYR A 54 8.07 -42.42 20.64
C TYR A 54 9.36 -43.20 20.41
N ARG A 55 9.72 -43.42 19.16
CA ARG A 55 10.92 -44.20 18.83
C ARG A 55 12.08 -43.33 18.35
N GLY A 56 11.83 -42.07 17.98
CA GLY A 56 12.87 -41.18 17.52
C GLY A 56 13.02 -41.08 16.02
N GLY A 57 12.13 -41.71 15.24
CA GLY A 57 12.21 -41.60 13.81
C GLY A 57 12.02 -40.17 13.33
N THR A 58 12.74 -39.83 12.26
CA THR A 58 12.74 -38.46 11.74
C THR A 58 12.39 -38.48 10.26
N ASN A 59 12.11 -37.29 9.74
CA ASN A 59 11.89 -37.11 8.31
C ASN A 59 12.18 -35.64 8.00
N TYR A 60 13.23 -35.40 7.23
CA TYR A 60 13.69 -34.05 6.93
C TYR A 60 13.36 -33.70 5.48
N ALA A 61 13.02 -32.43 5.25
CA ALA A 61 12.94 -31.93 3.89
C ALA A 61 14.32 -32.01 3.24
N GLN A 62 14.33 -32.28 1.93
CA GLN A 62 15.60 -32.51 1.25
C GLN A 62 16.50 -31.28 1.26
N LYS A 63 15.94 -30.09 1.45
CA LYS A 63 16.76 -28.89 1.56
C LYS A 63 17.70 -28.97 2.76
N PHE A 64 17.21 -29.48 3.88
CA PHE A 64 17.99 -29.57 5.09
C PHE A 64 18.57 -30.97 5.33
N GLN A 65 18.36 -31.90 4.40
CA GLN A 65 18.88 -33.24 4.58
C GLN A 65 20.40 -33.24 4.63
N GLY A 66 20.96 -34.01 5.56
CA GLY A 66 22.39 -34.03 5.76
C GLY A 66 22.93 -32.85 6.55
N ARG A 67 22.09 -31.88 6.88
CA ARG A 67 22.52 -30.70 7.61
C ARG A 67 21.71 -30.45 8.88
N VAL A 68 20.55 -31.06 9.05
CA VAL A 68 19.72 -30.90 10.22
C VAL A 68 19.65 -32.22 10.97
N THR A 69 19.46 -32.15 12.28
CA THR A 69 19.33 -33.32 13.13
C THR A 69 18.28 -33.05 14.19
N MET A 70 17.25 -33.90 14.25
CA MET A 70 16.17 -33.76 15.22
C MET A 70 16.23 -34.95 16.17
N THR A 71 16.35 -34.64 17.46
CA THR A 71 16.41 -35.64 18.52
C THR A 71 15.35 -35.31 19.56
N ARG A 72 15.24 -36.15 20.58
CA ARG A 72 14.32 -35.87 21.68
C ARG A 72 14.80 -36.62 22.92
N ASP A 73 14.39 -36.10 24.07
CA ASP A 73 14.63 -36.73 25.36
C ASP A 73 13.27 -36.88 26.02
N THR A 74 12.73 -38.11 26.02
CA THR A 74 11.40 -38.32 26.57
C THR A 74 11.36 -38.09 28.08
N SER A 75 12.50 -38.29 28.77
CA SER A 75 12.53 -38.13 30.22
C SER A 75 12.27 -36.70 30.65
N ILE A 76 12.47 -35.72 29.77
CA ILE A 76 12.19 -34.33 30.05
C ILE A 76 11.20 -33.71 29.07
N ASN A 77 10.64 -34.53 28.17
CA ASN A 77 9.62 -34.08 27.20
C ASN A 77 10.14 -32.93 26.35
N THR A 78 11.36 -33.08 25.84
CA THR A 78 12.02 -32.03 25.07
C THR A 78 12.49 -32.58 23.73
N ALA A 79 12.14 -31.89 22.65
CA ALA A 79 12.67 -32.15 21.32
C ALA A 79 13.77 -31.14 21.00
N TYR A 80 14.66 -31.53 20.11
CA TYR A 80 15.81 -30.70 19.75
C TYR A 80 15.92 -30.59 18.24
N MET A 81 16.29 -29.40 17.78
CA MET A 81 16.57 -29.16 16.36
C MET A 81 17.97 -28.57 16.27
N GLU A 82 18.90 -29.36 15.73
CA GLU A 82 20.27 -28.89 15.50
C GLU A 82 20.46 -28.61 14.03
N LEU A 83 20.89 -27.38 13.72
CA LEU A 83 21.20 -26.97 12.36
C LEU A 83 22.68 -26.62 12.29
N SER A 84 23.43 -27.35 11.48
CA SER A 84 24.88 -27.21 11.40
C SER A 84 25.27 -26.45 10.15
N ARG A 85 26.54 -26.02 10.13
CA ARG A 85 27.12 -25.30 8.99
C ARG A 85 26.26 -24.11 8.59
N LEU A 86 26.06 -23.21 9.56
CA LEU A 86 25.08 -22.15 9.42
C LEU A 86 25.47 -21.17 8.34
N ARG A 87 24.51 -20.84 7.48
CA ARG A 87 24.68 -19.84 6.43
C ARG A 87 24.08 -18.52 6.88
N PHE A 88 24.50 -17.44 6.20
CA PHE A 88 23.93 -16.12 6.51
C PHE A 88 22.42 -16.09 6.32
N ASP A 89 21.90 -16.85 5.36
CA ASP A 89 20.46 -16.88 5.11
C ASP A 89 19.72 -17.90 5.98
N ASP A 90 20.43 -18.59 6.87
CA ASP A 90 19.77 -19.37 7.91
C ASP A 90 19.20 -18.51 9.02
N THR A 91 19.49 -17.21 9.03
CA THR A 91 18.92 -16.29 10.00
C THR A 91 17.40 -16.31 9.89
N ALA A 92 16.73 -16.82 10.91
CA ALA A 92 15.28 -16.98 10.87
C ALA A 92 14.75 -17.20 12.28
N VAL A 93 13.44 -17.05 12.41
CA VAL A 93 12.73 -17.46 13.62
C VAL A 93 12.35 -18.94 13.45
N TYR A 94 12.78 -19.76 14.40
CA TYR A 94 12.55 -21.20 14.33
C TYR A 94 11.45 -21.59 15.30
N TYR A 95 10.39 -22.19 14.78
CA TYR A 95 9.24 -22.65 15.55
C TYR A 95 9.21 -24.16 15.61
N CYS A 96 8.69 -24.69 16.71
CA CYS A 96 8.28 -26.08 16.79
C CYS A 96 6.78 -26.14 17.02
N ALA A 97 6.14 -27.18 16.50
CA ALA A 97 4.70 -27.30 16.61
C ALA A 97 4.31 -28.77 16.69
N ARG A 98 3.18 -29.02 17.33
CA ARG A 98 2.57 -30.34 17.36
C ARG A 98 1.26 -30.33 16.59
N PRO A 99 0.89 -31.43 15.97
CA PRO A 99 -0.37 -31.49 15.22
C PRO A 99 -1.52 -32.02 16.09
N LYS A 100 -2.72 -31.87 15.56
CA LYS A 100 -3.90 -32.44 16.19
C LYS A 100 -3.92 -33.95 16.02
N ASP A 101 -4.80 -34.61 16.78
CA ASP A 101 -5.01 -36.04 16.62
C ASP A 101 -5.61 -36.33 15.26
N CYS A 102 -5.11 -37.39 14.61
CA CYS A 102 -5.66 -37.83 13.34
C CYS A 102 -5.35 -39.31 13.17
N SER A 103 -6.09 -39.95 12.27
CA SER A 103 -5.95 -41.39 12.05
C SER A 103 -5.43 -41.74 10.66
N GLY A 104 -5.17 -40.76 9.80
CA GLY A 104 -4.71 -41.04 8.45
C GLY A 104 -3.23 -41.35 8.32
N GLY A 105 -2.46 -41.18 9.39
CA GLY A 105 -1.04 -41.42 9.36
C GLY A 105 -0.18 -40.21 9.04
N SER A 106 -0.77 -39.11 8.60
CA SER A 106 -0.05 -37.87 8.33
C SER A 106 -0.85 -36.72 8.95
N CYS A 107 -0.61 -36.46 10.22
CA CYS A 107 -1.28 -35.37 10.92
C CYS A 107 -0.43 -34.11 10.80
N TYR A 108 -0.97 -33.09 10.14
CA TYR A 108 -0.24 -31.85 9.91
C TYR A 108 -1.05 -30.61 10.30
N ASP A 109 -2.05 -30.77 11.16
CA ASP A 109 -2.86 -29.65 11.64
C ASP A 109 -2.20 -29.10 12.90
N PHE A 110 -1.24 -28.21 12.71
CA PHE A 110 -0.44 -27.68 13.82
C PHE A 110 -1.31 -26.82 14.72
N ASP A 111 -1.72 -27.36 15.86
CA ASP A 111 -2.62 -26.66 16.76
C ASP A 111 -1.92 -25.92 17.89
N TYR A 112 -0.69 -26.31 18.23
CA TYR A 112 0.09 -25.61 19.25
C TYR A 112 1.46 -25.31 18.70
N TRP A 113 1.88 -24.05 18.81
CA TRP A 113 3.18 -23.60 18.34
C TRP A 113 4.00 -23.09 19.52
N GLY A 114 5.32 -23.28 19.44
CA GLY A 114 6.19 -22.61 20.35
C GLY A 114 6.29 -21.13 20.05
N GLN A 115 6.82 -20.38 21.01
CA GLN A 115 6.94 -18.93 20.84
C GLN A 115 7.94 -18.56 19.76
N GLY A 116 8.78 -19.49 19.33
CA GLY A 116 9.78 -19.23 18.33
C GLY A 116 11.13 -18.88 18.94
N THR A 117 12.17 -18.99 18.11
CA THR A 117 13.54 -18.75 18.54
C THR A 117 14.28 -18.07 17.40
N LEU A 118 14.63 -16.80 17.58
CA LEU A 118 15.34 -16.04 16.55
C LEU A 118 16.82 -16.43 16.59
N VAL A 119 17.30 -17.08 15.53
CA VAL A 119 18.70 -17.42 15.38
C VAL A 119 19.31 -16.44 14.38
N THR A 120 20.27 -15.65 14.86
CA THR A 120 20.98 -14.70 13.97
C THR A 120 22.33 -15.32 13.60
N VAL A 121 22.56 -15.60 12.33
CA VAL A 121 23.88 -16.13 11.90
C VAL A 121 24.81 -14.94 11.61
N SER A 122 25.61 -14.54 12.60
CA SER A 122 26.51 -13.37 12.44
C SER A 122 27.79 -13.57 13.26
N SER A 123 28.86 -12.87 12.89
CA SER A 123 30.14 -12.98 13.65
C SER A 123 30.16 -11.95 14.80
N ALA A 124 29.32 -10.91 14.71
CA ALA A 124 29.25 -9.93 15.78
C ALA A 124 28.92 -10.60 17.10
N SER A 125 29.43 -10.03 18.19
CA SER A 125 29.26 -10.61 19.51
C SER A 125 28.02 -10.03 20.20
N THR A 126 27.59 -10.72 21.25
CA THR A 126 26.45 -10.26 22.04
C THR A 126 26.84 -9.04 22.86
N LYS A 127 26.00 -8.01 22.83
CA LYS A 127 26.21 -6.80 23.63
C LYS A 127 24.89 -6.41 24.27
N GLY A 128 24.93 -6.15 25.58
CA GLY A 128 23.76 -5.73 26.30
C GLY A 128 23.37 -4.30 25.97
N PRO A 129 22.10 -3.98 26.14
CA PRO A 129 21.61 -2.66 25.75
C PRO A 129 21.87 -1.60 26.82
N SER A 130 21.86 -0.34 26.37
CA SER A 130 21.86 0.81 27.23
C SER A 130 20.48 1.47 27.15
N VAL A 131 19.88 1.74 28.30
CA VAL A 131 18.53 2.29 28.38
C VAL A 131 18.62 3.72 28.90
N PHE A 132 18.08 4.66 28.14
CA PHE A 132 18.04 6.06 28.51
C PHE A 132 16.60 6.55 28.56
N PRO A 133 16.29 7.50 29.43
CA PRO A 133 14.91 7.99 29.53
C PRO A 133 14.56 8.91 28.36
N LEU A 134 13.28 8.86 27.98
CA LEU A 134 12.67 9.83 27.08
C LEU A 134 11.69 10.61 27.95
N ALA A 135 12.21 11.65 28.60
CA ALA A 135 11.44 12.33 29.64
C ALA A 135 10.34 13.19 29.03
N PRO A 136 9.14 13.16 29.59
CA PRO A 136 8.08 14.06 29.09
C PRO A 136 8.32 15.49 29.52
N SER A 137 8.04 16.42 28.60
CA SER A 137 8.22 17.84 28.85
C SER A 137 7.23 18.60 27.98
N SER A 138 7.38 19.93 27.92
CA SER A 138 6.51 20.74 27.07
C SER A 138 6.66 20.35 25.61
N LYS A 139 7.90 20.09 25.17
CA LYS A 139 8.14 19.61 23.81
C LYS A 139 7.56 18.22 23.56
N SER A 140 7.20 17.49 24.63
CA SER A 140 6.57 16.19 24.52
C SER A 140 5.10 16.23 24.93
N THR A 141 4.48 17.41 24.94
CA THR A 141 3.09 17.57 25.32
C THR A 141 2.34 18.26 24.20
N SER A 142 1.29 17.62 23.71
CA SER A 142 0.40 18.18 22.70
C SER A 142 -1.03 18.11 23.23
N GLY A 143 -1.71 19.26 23.26
CA GLY A 143 -3.02 19.31 23.86
C GLY A 143 -2.95 18.93 25.32
N GLY A 144 -3.81 18.01 25.73
CA GLY A 144 -3.79 17.49 27.08
C GLY A 144 -3.12 16.13 27.18
N THR A 145 -2.33 15.78 26.16
CA THR A 145 -1.69 14.48 26.07
C THR A 145 -0.18 14.63 26.11
N ALA A 146 0.49 13.81 26.92
CA ALA A 146 1.93 13.83 27.06
C ALA A 146 2.52 12.51 26.60
N ALA A 147 3.72 12.58 26.01
CA ALA A 147 4.43 11.42 25.52
C ALA A 147 5.71 11.20 26.32
N LEU A 148 5.98 9.94 26.65
CA LEU A 148 7.18 9.56 27.38
C LEU A 148 7.58 8.16 26.90
N GLY A 149 8.82 7.79 27.19
CA GLY A 149 9.28 6.49 26.76
C GLY A 149 10.69 6.19 27.23
N CYS A 150 11.25 5.13 26.66
CA CYS A 150 12.61 4.69 26.93
C CYS A 150 13.31 4.38 25.62
N LEU A 151 14.59 4.74 25.54
CA LEU A 151 15.43 4.46 24.38
C LEU A 151 16.36 3.30 24.71
N VAL A 152 16.29 2.25 23.90
CA VAL A 152 17.10 1.05 24.09
C VAL A 152 18.11 1.01 22.96
N LYS A 153 19.36 1.32 23.26
CA LYS A 153 20.38 1.57 22.25
C LYS A 153 21.55 0.61 22.37
N ASP A 154 22.10 0.24 21.22
CA ASP A 154 23.36 -0.48 21.11
C ASP A 154 23.31 -1.85 21.81
N TYR A 155 22.46 -2.72 21.27
CA TYR A 155 22.40 -4.10 21.70
C TYR A 155 22.48 -5.02 20.48
N PHE A 156 22.91 -6.26 20.73
CA PHE A 156 22.99 -7.26 19.68
C PHE A 156 23.04 -8.64 20.33
N PRO A 157 22.35 -9.64 19.78
CA PRO A 157 21.44 -9.57 18.62
C PRO A 157 20.02 -9.26 19.06
N GLU A 158 19.08 -9.32 18.14
CA GLU A 158 17.67 -9.17 18.50
C GLU A 158 17.19 -10.43 19.22
N PRO A 159 16.07 -10.34 19.96
CA PRO A 159 15.23 -9.16 20.19
C PRO A 159 15.34 -8.58 21.59
N VAL A 160 14.76 -7.40 21.79
CA VAL A 160 14.43 -6.88 23.11
C VAL A 160 12.92 -6.70 23.17
N THR A 161 12.35 -6.96 24.34
CA THR A 161 10.93 -6.72 24.60
C THR A 161 10.81 -5.64 25.66
N VAL A 162 9.76 -4.83 25.54
CA VAL A 162 9.51 -3.73 26.47
C VAL A 162 8.08 -3.84 26.98
N SER A 163 7.92 -3.72 28.29
CA SER A 163 6.61 -3.56 28.92
C SER A 163 6.64 -2.31 29.79
N TRP A 164 5.47 -1.90 30.25
CA TRP A 164 5.34 -0.71 31.08
C TRP A 164 4.59 -1.05 32.35
N ASN A 165 5.15 -0.64 33.50
CA ASN A 165 4.59 -0.94 34.82
C ASN A 165 4.35 -2.45 34.98
N SER A 166 5.32 -3.24 34.52
CA SER A 166 5.31 -4.70 34.62
C SER A 166 4.08 -5.31 33.93
N GLY A 167 3.63 -4.68 32.84
CA GLY A 167 2.48 -5.14 32.09
C GLY A 167 1.18 -4.46 32.43
N ALA A 168 1.12 -3.71 33.54
CA ALA A 168 -0.12 -3.05 33.94
C ALA A 168 -0.47 -1.87 33.05
N LEU A 169 0.49 -1.35 32.28
CA LEU A 169 0.25 -0.22 31.38
C LEU A 169 0.43 -0.70 29.95
N THR A 170 -0.68 -0.85 29.22
CA THR A 170 -0.65 -1.27 27.82
C THR A 170 -1.31 -0.30 26.87
N SER A 171 -2.31 0.45 27.30
CA SER A 171 -3.01 1.39 26.43
C SER A 171 -2.08 2.52 26.00
N GLY A 172 -2.07 2.82 24.71
CA GLY A 172 -1.25 3.87 24.17
C GLY A 172 0.22 3.54 23.99
N VAL A 173 0.63 2.31 24.28
CA VAL A 173 2.03 1.91 24.18
C VAL A 173 2.36 1.59 22.73
N HIS A 174 3.50 2.10 22.27
CA HIS A 174 4.03 1.80 20.94
C HIS A 174 5.50 1.43 21.10
N THR A 175 5.81 0.16 20.91
CA THR A 175 7.19 -0.32 20.92
C THR A 175 7.62 -0.51 19.47
N PHE A 176 8.49 0.37 19.00
CA PHE A 176 8.87 0.38 17.59
C PHE A 176 9.79 -0.79 17.27
N PRO A 177 9.72 -1.31 16.05
CA PRO A 177 10.69 -2.33 15.62
C PRO A 177 12.10 -1.77 15.64
N ALA A 178 13.05 -2.65 15.94
CA ALA A 178 14.44 -2.24 16.00
C ALA A 178 14.95 -1.81 14.62
N VAL A 179 15.88 -0.86 14.62
CA VAL A 179 16.59 -0.46 13.42
C VAL A 179 18.04 -0.90 13.56
N LEU A 180 18.63 -1.32 12.44
CA LEU A 180 20.03 -1.72 12.41
C LEU A 180 20.87 -0.48 12.12
N GLN A 181 21.61 -0.02 13.12
CA GLN A 181 22.45 1.15 12.95
C GLN A 181 23.65 0.80 12.06
N SER A 182 24.32 1.85 11.57
CA SER A 182 25.51 1.64 10.75
C SER A 182 26.63 0.97 11.55
N SER A 183 26.62 1.12 12.87
CA SER A 183 27.62 0.47 13.72
C SER A 183 27.47 -1.03 13.79
N GLY A 184 26.36 -1.58 13.30
CA GLY A 184 26.10 -3.00 13.38
C GLY A 184 25.30 -3.43 14.58
N LEU A 185 24.98 -2.51 15.50
CA LEU A 185 24.15 -2.79 16.66
C LEU A 185 22.73 -2.29 16.42
N TYR A 186 21.79 -2.89 17.16
CA TYR A 186 20.38 -2.54 17.04
C TYR A 186 20.00 -1.45 18.02
N SER A 187 18.84 -0.84 17.77
CA SER A 187 18.31 0.21 18.63
C SER A 187 16.83 0.36 18.37
N LEU A 188 16.06 0.61 19.41
CA LEU A 188 14.63 0.88 19.26
C LEU A 188 14.16 1.78 20.38
N SER A 189 12.96 2.32 20.22
CA SER A 189 12.31 3.13 21.25
C SER A 189 10.94 2.54 21.55
N SER A 190 10.55 2.62 22.81
CA SER A 190 9.20 2.30 23.27
C SER A 190 8.60 3.53 23.91
N VAL A 191 7.40 3.92 23.47
CA VAL A 191 6.77 5.14 23.93
C VAL A 191 5.36 4.82 24.39
N VAL A 192 4.79 5.74 25.16
CA VAL A 192 3.39 5.66 25.58
C VAL A 192 2.87 7.08 25.77
N THR A 193 1.62 7.29 25.37
CA THR A 193 0.95 8.56 25.56
C THR A 193 -0.01 8.46 26.73
N VAL A 194 0.06 9.44 27.63
CA VAL A 194 -0.75 9.46 28.86
C VAL A 194 -1.28 10.88 29.05
N PRO A 195 -2.33 11.03 29.85
CA PRO A 195 -2.81 12.38 30.16
C PRO A 195 -1.69 13.20 30.81
N SER A 196 -1.55 14.45 30.35
CA SER A 196 -0.53 15.33 30.92
C SER A 196 -0.79 15.64 32.38
N SER A 197 -2.04 15.51 32.84
CA SER A 197 -2.38 15.72 34.23
C SER A 197 -1.90 14.60 35.14
N SER A 198 -1.41 13.49 34.59
CA SER A 198 -0.87 12.42 35.41
C SER A 198 0.63 12.52 35.64
N LEU A 199 1.30 13.46 34.97
CA LEU A 199 2.74 13.62 35.15
C LEU A 199 3.04 14.13 36.55
N GLY A 200 3.94 13.45 37.24
CA GLY A 200 4.24 13.76 38.62
C GLY A 200 3.35 13.09 39.64
N THR A 201 2.29 12.40 39.20
CA THR A 201 1.41 11.66 40.08
C THR A 201 1.49 10.16 39.83
N GLN A 202 1.24 9.73 38.60
CA GLN A 202 1.41 8.34 38.23
C GLN A 202 2.87 8.01 38.00
N THR A 203 3.28 6.82 38.39
CA THR A 203 4.65 6.36 38.18
C THR A 203 4.71 5.55 36.89
N TYR A 204 5.70 5.86 36.05
CA TYR A 204 5.87 5.20 34.75
C TYR A 204 7.25 4.56 34.71
N ILE A 205 7.27 3.23 34.64
CA ILE A 205 8.50 2.45 34.60
C ILE A 205 8.49 1.59 33.34
N CYS A 206 9.57 1.63 32.58
CA CYS A 206 9.72 0.77 31.41
C CYS A 206 10.58 -0.44 31.78
N ASN A 207 10.12 -1.62 31.38
CA ASN A 207 10.80 -2.87 31.67
C ASN A 207 11.37 -3.41 30.36
N VAL A 208 12.68 -3.24 30.18
CA VAL A 208 13.39 -3.68 28.99
C VAL A 208 14.07 -5.00 29.28
N ASN A 209 13.80 -6.00 28.45
CA ASN A 209 14.38 -7.32 28.61
C ASN A 209 15.19 -7.66 27.37
N HIS A 210 16.44 -8.07 27.57
CA HIS A 210 17.30 -8.54 26.49
C HIS A 210 17.84 -9.89 26.91
N LYS A 211 17.06 -10.94 26.64
CA LYS A 211 17.46 -12.30 27.00
C LYS A 211 18.81 -12.73 26.42
N PRO A 212 19.18 -12.39 25.18
CA PRO A 212 20.48 -12.82 24.66
C PRO A 212 21.67 -12.41 25.53
N SER A 213 21.63 -11.26 26.18
CA SER A 213 22.66 -10.87 27.13
C SER A 213 22.27 -11.13 28.57
N ASN A 214 21.11 -11.75 28.80
CA ASN A 214 20.63 -12.05 30.15
C ASN A 214 20.57 -10.79 31.01
N THR A 215 20.03 -9.73 30.43
CA THR A 215 20.01 -8.42 31.07
C THR A 215 18.59 -7.88 31.08
N LYS A 216 18.12 -7.46 32.25
CA LYS A 216 16.83 -6.82 32.40
C LYS A 216 17.03 -5.45 33.04
N VAL A 217 16.36 -4.43 32.51
CA VAL A 217 16.49 -3.06 32.99
C VAL A 217 15.11 -2.51 33.27
N ASP A 218 14.91 -1.96 34.47
CA ASP A 218 13.67 -1.28 34.85
C ASP A 218 14.01 0.16 35.19
N LYS A 219 13.51 1.11 34.41
CA LYS A 219 13.86 2.51 34.56
C LYS A 219 12.58 3.34 34.73
N ARG A 220 12.56 4.15 35.78
CA ARG A 220 11.45 5.07 36.03
C ARG A 220 11.70 6.36 35.26
N VAL A 221 10.76 6.73 34.40
CA VAL A 221 10.88 7.92 33.58
C VAL A 221 10.21 9.07 34.31
N GLU A 222 10.98 10.11 34.63
CA GLU A 222 10.48 11.20 35.43
C GLU A 222 10.24 12.45 34.59
N PRO A 223 9.24 13.25 34.93
CA PRO A 223 8.95 14.45 34.14
C PRO A 223 10.06 15.48 34.22
N LYS A 224 10.23 16.21 33.12
CA LYS A 224 11.06 17.40 33.10
C LYS A 224 10.27 18.60 33.62
N SER A 225 11.00 19.61 34.08
CA SER A 225 10.40 20.86 34.57
C SER A 225 10.49 21.99 33.55
N CYS A 226 10.44 21.67 32.26
CA CYS A 226 10.55 22.66 31.21
C CYS A 226 9.52 22.42 30.11
N ASN B 1 6.36 -31.68 -3.90
CA ASN B 1 5.27 -32.46 -4.47
C ASN B 1 4.03 -31.58 -4.68
N ILE B 2 3.52 -31.02 -3.58
CA ILE B 2 2.30 -30.22 -3.61
C ILE B 2 2.70 -28.74 -3.57
N GLN B 3 2.11 -27.96 -4.48
CA GLN B 3 2.31 -26.52 -4.53
C GLN B 3 0.98 -25.83 -4.25
N MET B 4 1.01 -24.87 -3.31
CA MET B 4 -0.15 -24.06 -2.97
C MET B 4 -0.05 -22.70 -3.64
N THR B 5 -1.18 -22.23 -4.17
CA THR B 5 -1.27 -20.90 -4.78
C THR B 5 -2.27 -20.09 -3.97
N GLN B 6 -1.76 -19.19 -3.14
CA GLN B 6 -2.59 -18.34 -2.30
C GLN B 6 -2.82 -16.99 -2.98
N SER B 7 -4.04 -16.48 -2.87
CA SER B 7 -4.39 -15.20 -3.46
C SER B 7 -5.47 -14.55 -2.62
N PRO B 8 -5.44 -13.22 -2.44
CA PRO B 8 -4.46 -12.27 -2.96
C PRO B 8 -3.18 -12.23 -2.12
N SER B 9 -2.12 -11.60 -2.62
CA SER B 9 -0.93 -11.40 -1.80
C SER B 9 -1.22 -10.47 -0.63
N SER B 10 -2.02 -9.45 -0.84
CA SER B 10 -2.41 -8.54 0.22
C SER B 10 -3.76 -7.92 -0.13
N LEU B 11 -4.46 -7.46 0.91
CA LEU B 11 -5.73 -6.77 0.70
C LEU B 11 -5.91 -5.74 1.80
N SER B 12 -6.74 -4.74 1.49
CA SER B 12 -7.10 -3.69 2.44
C SER B 12 -8.61 -3.56 2.44
N ALA B 13 -9.21 -3.59 3.62
CA ALA B 13 -10.67 -3.56 3.74
C ALA B 13 -11.06 -2.81 5.01
N SER B 14 -12.31 -2.35 5.03
CA SER B 14 -12.83 -1.59 6.15
C SER B 14 -13.31 -2.52 7.27
N VAL B 15 -13.54 -1.94 8.44
CA VAL B 15 -14.04 -2.72 9.57
C VAL B 15 -15.47 -3.12 9.31
N GLY B 16 -15.76 -4.41 9.43
CA GLY B 16 -17.09 -4.95 9.32
C GLY B 16 -17.40 -5.69 8.04
N ASP B 17 -16.65 -5.45 6.96
CA ASP B 17 -17.00 -6.11 5.71
C ASP B 17 -16.32 -7.48 5.63
N ARG B 18 -16.57 -8.18 4.52
CA ARG B 18 -16.23 -9.59 4.38
C ARG B 18 -14.88 -9.72 3.70
N VAL B 19 -13.95 -10.41 4.35
CA VAL B 19 -12.62 -10.67 3.79
C VAL B 19 -12.60 -12.09 3.25
N THR B 20 -12.16 -12.25 2.00
CA THR B 20 -12.16 -13.53 1.33
C THR B 20 -10.77 -13.81 0.77
N ILE B 21 -10.24 -15.00 1.05
CA ILE B 21 -8.92 -15.43 0.58
C ILE B 21 -9.06 -16.85 0.03
N THR B 22 -8.36 -17.14 -1.07
CA THR B 22 -8.45 -18.44 -1.71
C THR B 22 -7.09 -19.11 -1.79
N CYS B 23 -7.10 -20.44 -1.79
CA CYS B 23 -5.90 -21.23 -2.04
C CYS B 23 -6.24 -22.35 -3.02
N GLN B 24 -5.33 -22.57 -3.97
CA GLN B 24 -5.49 -23.62 -4.97
C GLN B 24 -4.35 -24.61 -4.82
N ALA B 25 -4.68 -25.88 -4.65
CA ALA B 25 -3.68 -26.93 -4.54
C ALA B 25 -3.35 -27.49 -5.92
N SER B 26 -2.09 -27.87 -6.10
CA SER B 26 -1.65 -28.44 -7.37
C SER B 26 -2.29 -29.79 -7.64
N GLN B 27 -2.77 -30.48 -6.61
CA GLN B 27 -3.37 -31.80 -6.78
C GLN B 27 -4.45 -31.97 -5.73
N ASP B 28 -5.32 -32.94 -5.97
CA ASP B 28 -6.39 -33.22 -5.02
C ASP B 28 -5.81 -33.58 -3.66
N ILE B 29 -6.11 -32.76 -2.65
CA ILE B 29 -5.67 -32.99 -1.28
C ILE B 29 -6.85 -33.33 -0.37
N SER B 30 -8.00 -33.68 -0.96
CA SER B 30 -9.24 -33.98 -0.21
C SER B 30 -9.57 -32.71 0.59
N ASN B 31 -9.80 -32.81 1.90
CA ASN B 31 -10.09 -31.65 2.73
C ASN B 31 -9.00 -31.41 3.76
N TYR B 32 -7.77 -31.76 3.43
CA TYR B 32 -6.65 -31.68 4.38
C TYR B 32 -5.88 -30.37 4.26
N LEU B 33 -6.60 -29.24 4.35
CA LEU B 33 -5.99 -27.91 4.28
C LEU B 33 -6.31 -27.15 5.56
N ASN B 34 -5.33 -26.41 6.06
CA ASN B 34 -5.49 -25.64 7.29
C ASN B 34 -5.19 -24.17 7.03
N TRP B 35 -5.76 -23.32 7.87
CA TRP B 35 -5.56 -21.88 7.79
C TRP B 35 -5.02 -21.37 9.12
N TYR B 36 -4.03 -20.48 9.05
CA TYR B 36 -3.38 -19.92 10.21
C TYR B 36 -3.44 -18.40 10.18
N GLN B 37 -3.42 -17.80 11.37
CA GLN B 37 -3.34 -16.35 11.54
C GLN B 37 -2.03 -16.04 12.25
N GLN B 38 -1.20 -15.21 11.64
CA GLN B 38 0.06 -14.80 12.26
C GLN B 38 0.06 -13.28 12.42
N LYS B 39 -0.09 -12.83 13.66
CA LYS B 39 0.08 -11.43 13.98
C LYS B 39 1.56 -11.09 14.06
N PRO B 40 1.93 -9.82 13.83
CA PRO B 40 3.35 -9.46 13.81
C PRO B 40 4.05 -9.79 15.11
N GLY B 41 5.24 -10.37 15.00
CA GLY B 41 6.01 -10.80 16.15
C GLY B 41 5.47 -12.01 16.88
N LYS B 42 4.45 -12.66 16.34
CA LYS B 42 3.79 -13.77 17.00
C LYS B 42 3.97 -15.05 16.20
N ALA B 43 3.76 -16.17 16.87
CA ALA B 43 3.71 -17.46 16.20
C ALA B 43 2.39 -17.61 15.44
N PRO B 44 2.37 -18.43 14.40
CA PRO B 44 1.10 -18.72 13.73
C PRO B 44 0.12 -19.38 14.67
N LYS B 45 -1.17 -19.04 14.49
CA LYS B 45 -2.25 -19.57 15.30
C LYS B 45 -3.24 -20.28 14.40
N LEU B 46 -3.48 -21.56 14.66
CA LEU B 46 -4.42 -22.34 13.86
C LEU B 46 -5.83 -21.79 14.03
N LEU B 47 -6.50 -21.54 12.90
CA LEU B 47 -7.89 -21.08 12.90
C LEU B 47 -8.84 -22.12 12.34
N ILE B 48 -8.55 -22.65 11.15
CA ILE B 48 -9.38 -23.65 10.49
C ILE B 48 -8.54 -24.88 10.24
N TYR B 49 -9.02 -26.04 10.67
CA TYR B 49 -8.36 -27.31 10.39
C TYR B 49 -9.29 -28.18 9.55
N ASP B 50 -8.70 -28.98 8.68
CA ASP B 50 -9.43 -29.84 7.74
C ASP B 50 -10.40 -29.03 6.88
N ALA B 51 -10.02 -27.78 6.61
CA ALA B 51 -10.61 -26.90 5.59
C ALA B 51 -12.01 -26.41 5.94
N SER B 52 -12.66 -27.01 6.94
CA SER B 52 -14.01 -26.59 7.29
C SER B 52 -14.24 -26.38 8.78
N ASN B 53 -13.43 -26.95 9.66
CA ASN B 53 -13.74 -27.02 11.08
C ASN B 53 -13.08 -25.87 11.83
N LEU B 54 -13.87 -25.19 12.65
CA LEU B 54 -13.38 -24.09 13.46
C LEU B 54 -12.58 -24.66 14.64
N GLU B 55 -11.31 -24.28 14.73
CA GLU B 55 -10.46 -24.75 15.82
C GLU B 55 -10.98 -24.23 17.15
N THR B 56 -10.84 -25.06 18.18
CA THR B 56 -11.37 -24.73 19.49
C THR B 56 -10.83 -23.39 19.98
N GLY B 57 -11.74 -22.51 20.41
CA GLY B 57 -11.39 -21.20 20.91
C GLY B 57 -11.43 -20.09 19.88
N VAL B 58 -11.43 -20.41 18.60
CA VAL B 58 -11.38 -19.42 17.53
C VAL B 58 -12.74 -18.75 17.40
N PRO B 59 -12.80 -17.43 17.28
CA PRO B 59 -14.10 -16.75 17.15
C PRO B 59 -14.84 -17.19 15.90
N SER B 60 -16.18 -17.18 16.00
CA SER B 60 -17.04 -17.75 14.96
C SER B 60 -17.02 -16.97 13.66
N ARG B 61 -16.48 -15.75 13.64
CA ARG B 61 -16.44 -14.98 12.40
C ARG B 61 -15.48 -15.58 11.38
N PHE B 62 -14.58 -16.46 11.81
CA PHE B 62 -13.68 -17.15 10.90
C PHE B 62 -14.31 -18.45 10.42
N SER B 63 -14.17 -18.73 9.13
CA SER B 63 -14.70 -19.95 8.56
C SER B 63 -13.87 -20.34 7.35
N GLY B 64 -14.05 -21.59 6.92
CA GLY B 64 -13.38 -22.07 5.72
C GLY B 64 -14.27 -23.06 5.01
N SER B 65 -14.00 -23.22 3.71
CA SER B 65 -14.76 -24.17 2.89
C SER B 65 -13.90 -24.59 1.71
N GLY B 66 -14.30 -25.69 1.10
CA GLY B 66 -13.62 -26.21 -0.08
C GLY B 66 -13.20 -27.66 0.07
N SER B 67 -13.08 -28.34 -1.05
CA SER B 67 -12.61 -29.72 -1.08
C SER B 67 -11.94 -29.97 -2.42
N GLY B 68 -10.95 -30.87 -2.41
CA GLY B 68 -10.23 -31.17 -3.63
C GLY B 68 -9.06 -30.24 -3.88
N THR B 69 -9.26 -29.23 -4.72
CA THR B 69 -8.19 -28.32 -5.10
C THR B 69 -8.49 -26.85 -4.85
N HIS B 70 -9.75 -26.47 -4.66
CA HIS B 70 -10.12 -25.07 -4.47
C HIS B 70 -10.65 -24.87 -3.06
N PHE B 71 -10.10 -23.88 -2.35
CA PHE B 71 -10.44 -23.66 -0.96
C PHE B 71 -10.57 -22.15 -0.70
N THR B 72 -11.30 -21.83 0.36
CA THR B 72 -11.62 -20.44 0.69
C THR B 72 -11.58 -20.25 2.20
N PHE B 73 -11.03 -19.11 2.61
CA PHE B 73 -11.00 -18.67 4.01
C PHE B 73 -11.72 -17.34 4.09
N THR B 74 -12.58 -17.18 5.09
CA THR B 74 -13.44 -16.01 5.16
C THR B 74 -13.51 -15.46 6.58
N ILE B 75 -13.42 -14.14 6.68
CA ILE B 75 -13.72 -13.42 7.92
C ILE B 75 -15.01 -12.66 7.67
N SER B 76 -16.09 -13.05 8.37
CA SER B 76 -17.42 -12.55 8.04
C SER B 76 -17.52 -11.04 8.21
N ARG B 77 -17.10 -10.53 9.37
CA ARG B 77 -17.04 -9.10 9.63
C ARG B 77 -15.66 -8.79 10.20
N LEU B 78 -14.86 -8.03 9.46
CA LEU B 78 -13.48 -7.77 9.84
C LEU B 78 -13.44 -6.93 11.12
N GLN B 79 -12.59 -7.35 12.05
CA GLN B 79 -12.42 -6.66 13.32
C GLN B 79 -11.07 -5.96 13.37
N PRO B 80 -10.94 -4.89 14.16
CA PRO B 80 -9.65 -4.17 14.22
C PRO B 80 -8.49 -5.04 14.66
N GLU B 81 -8.74 -6.05 15.50
CA GLU B 81 -7.68 -6.93 15.98
C GLU B 81 -7.31 -8.03 15.01
N ASP B 82 -7.95 -8.08 13.84
CA ASP B 82 -7.70 -9.11 12.85
C ASP B 82 -6.58 -8.75 11.89
N ILE B 83 -5.85 -7.66 12.14
CA ILE B 83 -4.69 -7.30 11.34
C ILE B 83 -3.64 -8.39 11.48
N ALA B 84 -3.38 -9.11 10.40
CA ALA B 84 -2.42 -10.21 10.44
C ALA B 84 -2.12 -10.65 9.01
N THR B 85 -1.22 -11.62 8.90
CA THR B 85 -0.95 -12.33 7.65
C THR B 85 -1.45 -13.76 7.81
N TYR B 86 -2.28 -14.20 6.86
CA TYR B 86 -2.93 -15.48 6.94
C TYR B 86 -2.31 -16.45 5.95
N TYR B 87 -2.10 -17.69 6.39
CA TYR B 87 -1.48 -18.73 5.57
C TYR B 87 -2.41 -19.93 5.46
N CYS B 88 -2.46 -20.52 4.27
CA CYS B 88 -3.00 -21.85 4.10
C CYS B 88 -1.85 -22.85 4.02
N GLN B 89 -2.17 -24.12 4.25
CA GLN B 89 -1.12 -25.13 4.34
C GLN B 89 -1.72 -26.52 4.25
N VAL B 90 -1.09 -27.37 3.46
CA VAL B 90 -1.37 -28.80 3.42
C VAL B 90 -0.06 -29.55 3.60
N TYR B 91 -0.03 -30.49 4.54
CA TYR B 91 1.14 -31.32 4.80
C TYR B 91 2.39 -30.46 4.99
N GLU B 92 3.32 -30.53 4.04
CA GLU B 92 4.61 -29.86 4.18
C GLU B 92 4.69 -28.53 3.44
N THR B 93 3.60 -28.09 2.82
CA THR B 93 3.62 -26.90 1.97
C THR B 93 2.76 -25.80 2.57
N PHE B 94 3.35 -24.62 2.71
CA PHE B 94 2.65 -23.42 3.16
C PHE B 94 2.39 -22.50 1.97
N GLY B 95 1.20 -21.90 1.95
CA GLY B 95 0.91 -20.89 0.95
C GLY B 95 1.76 -19.65 1.14
N GLN B 96 1.69 -18.76 0.15
CA GLN B 96 2.55 -17.59 0.15
C GLN B 96 2.12 -16.54 1.17
N GLY B 97 0.87 -16.58 1.61
CA GLY B 97 0.42 -15.66 2.64
C GLY B 97 -0.41 -14.51 2.08
N THR B 98 -1.31 -13.99 2.91
CA THR B 98 -2.15 -12.84 2.57
C THR B 98 -2.11 -11.86 3.73
N LYS B 99 -1.55 -10.68 3.50
CA LYS B 99 -1.52 -9.63 4.52
C LYS B 99 -2.78 -8.79 4.37
N VAL B 100 -3.67 -8.94 5.33
CA VAL B 100 -4.94 -8.18 5.33
C VAL B 100 -4.69 -6.91 6.17
N GLU B 101 -5.14 -5.79 5.65
CA GLU B 101 -4.91 -4.50 6.29
C GLU B 101 -6.26 -3.81 6.44
N ILE B 102 -6.35 -2.83 7.32
CA ILE B 102 -7.59 -2.04 7.48
C ILE B 102 -7.43 -0.69 6.78
N LYS B 103 -8.37 -0.41 5.87
CA LYS B 103 -8.72 0.96 5.44
C LYS B 103 -9.55 1.66 6.51
N ARG B 104 -9.10 2.85 6.89
CA ARG B 104 -9.84 3.68 7.89
C ARG B 104 -9.78 5.14 7.43
N THR B 105 -10.34 6.04 8.22
CA THR B 105 -10.34 7.46 7.90
C THR B 105 -8.97 8.08 8.18
N VAL B 106 -8.76 9.26 7.60
CA VAL B 106 -7.49 9.96 7.75
C VAL B 106 -7.36 10.50 9.17
N ALA B 107 -6.16 10.35 9.74
CA ALA B 107 -5.84 10.90 11.06
C ALA B 107 -4.50 11.60 10.99
N ALA B 108 -4.43 12.83 11.48
CA ALA B 108 -3.18 13.57 11.53
C ALA B 108 -2.31 13.07 12.69
N PRO B 109 -1.00 13.01 12.51
CA PRO B 109 -0.14 12.54 13.60
C PRO B 109 0.00 13.57 14.71
N SER B 110 0.17 13.08 15.93
CA SER B 110 0.59 13.90 17.06
C SER B 110 2.10 13.87 17.13
N VAL B 111 2.73 15.02 16.95
CA VAL B 111 4.18 15.10 16.82
C VAL B 111 4.79 15.53 18.14
N PHE B 112 5.74 14.75 18.64
CA PHE B 112 6.49 15.06 19.84
C PHE B 112 7.97 14.98 19.52
N ILE B 113 8.78 15.71 20.30
CA ILE B 113 10.22 15.70 20.12
C ILE B 113 10.89 15.57 21.48
N PHE B 114 11.90 14.71 21.54
CA PHE B 114 12.62 14.43 22.78
C PHE B 114 14.08 14.81 22.61
N PRO B 115 14.59 15.76 23.37
CA PRO B 115 16.03 16.04 23.36
C PRO B 115 16.81 14.87 23.92
N PRO B 116 18.09 14.75 23.59
CA PRO B 116 18.90 13.67 24.17
C PRO B 116 18.96 13.79 25.69
N SER B 117 18.92 12.63 26.36
CA SER B 117 19.01 12.60 27.81
C SER B 117 20.42 12.94 28.25
N ASP B 118 20.52 13.59 29.43
CA ASP B 118 21.83 13.87 30.00
C ASP B 118 22.63 12.60 30.22
N GLU B 119 21.96 11.51 30.57
CA GLU B 119 22.64 10.24 30.80
C GLU B 119 23.33 9.74 29.54
N GLN B 120 22.66 9.84 28.39
CA GLN B 120 23.30 9.44 27.14
C GLN B 120 24.43 10.38 26.75
N LEU B 121 24.30 11.68 27.07
CA LEU B 121 25.34 12.63 26.74
C LEU B 121 26.66 12.31 27.43
N LYS B 122 26.59 11.77 28.65
CA LYS B 122 27.82 11.36 29.33
C LYS B 122 28.55 10.26 28.58
N SER B 123 27.84 9.50 27.73
CA SER B 123 28.45 8.44 26.95
C SER B 123 29.10 8.95 25.67
N GLY B 124 28.96 10.23 25.36
CA GLY B 124 29.57 10.79 24.16
C GLY B 124 28.72 10.76 22.91
N THR B 125 27.45 10.38 23.03
CA THR B 125 26.56 10.31 21.87
C THR B 125 25.24 10.97 22.21
N ALA B 126 24.59 11.54 21.19
CA ALA B 126 23.30 12.19 21.34
C ALA B 126 22.31 11.57 20.36
N SER B 127 21.16 11.15 20.87
CA SER B 127 20.04 10.69 20.05
C SER B 127 18.85 11.57 20.35
N VAL B 128 18.31 12.22 19.31
CA VAL B 128 17.13 13.05 19.44
C VAL B 128 16.01 12.38 18.65
N VAL B 129 14.86 12.21 19.28
CA VAL B 129 13.80 11.34 18.79
C VAL B 129 12.57 12.19 18.47
N CYS B 130 12.02 12.00 17.28
CA CYS B 130 10.78 12.64 16.86
C CYS B 130 9.72 11.56 16.71
N LEU B 131 8.57 11.76 17.34
CA LEU B 131 7.50 10.77 17.41
C LEU B 131 6.27 11.24 16.67
N LEU B 132 5.79 10.42 15.74
CA LEU B 132 4.52 10.64 15.06
C LEU B 132 3.54 9.58 15.55
N ASN B 133 2.48 10.02 16.22
CA ASN B 133 1.63 9.14 17.01
C ASN B 133 0.24 9.05 16.37
N ASN B 134 -0.18 7.81 16.07
CA ASN B 134 -1.56 7.48 15.71
C ASN B 134 -2.06 8.28 14.51
N PHE B 135 -1.44 8.00 13.36
CA PHE B 135 -1.81 8.65 12.11
C PHE B 135 -2.15 7.61 11.05
N TYR B 136 -2.93 8.04 10.05
CA TYR B 136 -3.32 7.23 8.91
C TYR B 136 -3.53 8.18 7.74
N PRO B 137 -3.06 7.84 6.52
CA PRO B 137 -2.39 6.60 6.11
C PRO B 137 -0.92 6.53 6.50
N ARG B 138 -0.26 5.43 6.13
CA ARG B 138 1.12 5.18 6.53
C ARG B 138 2.10 6.17 5.91
N GLU B 139 1.77 6.76 4.77
CA GLU B 139 2.72 7.63 4.06
C GLU B 139 3.00 8.89 4.87
N ALA B 140 4.29 9.16 5.09
CA ALA B 140 4.71 10.34 5.83
C ALA B 140 6.19 10.57 5.53
N LYS B 141 6.57 11.84 5.37
CA LYS B 141 7.95 12.23 5.15
C LYS B 141 8.45 13.01 6.35
N VAL B 142 9.56 12.57 6.93
CA VAL B 142 10.14 13.19 8.11
C VAL B 142 11.58 13.57 7.79
N GLN B 143 11.94 14.82 8.07
CA GLN B 143 13.30 15.31 7.85
C GLN B 143 13.74 16.14 9.05
N TRP B 144 15.05 16.25 9.21
CA TRP B 144 15.64 16.93 10.36
C TRP B 144 16.35 18.20 9.91
N LYS B 145 16.07 19.30 10.60
CA LYS B 145 16.76 20.57 10.42
C LYS B 145 17.55 20.88 11.68
N VAL B 146 18.86 21.08 11.54
CA VAL B 146 19.73 21.45 12.64
C VAL B 146 20.22 22.86 12.36
N ASP B 147 19.80 23.82 13.19
CA ASP B 147 20.01 25.24 12.95
C ASP B 147 19.55 25.63 11.55
N ASN B 148 18.36 25.13 11.19
CA ASN B 148 17.72 25.41 9.90
C ASN B 148 18.54 24.90 8.73
N ALA B 149 19.33 23.85 8.95
CA ALA B 149 20.12 23.21 7.91
C ALA B 149 19.62 21.79 7.69
N LEU B 150 19.36 21.44 6.44
CA LEU B 150 18.83 20.13 6.10
C LEU B 150 19.85 19.04 6.44
N GLN B 151 19.36 17.94 7.02
CA GLN B 151 20.19 16.81 7.40
C GLN B 151 19.92 15.63 6.49
N SER B 152 20.96 14.80 6.30
CA SER B 152 20.82 13.60 5.49
C SER B 152 21.87 12.58 5.94
N GLY B 153 21.47 11.32 5.97
CA GLY B 153 22.38 10.24 6.27
C GLY B 153 22.62 9.97 7.75
N ASN B 154 21.96 10.70 8.65
CA ASN B 154 22.19 10.53 10.08
C ASN B 154 20.88 10.38 10.84
N SER B 155 19.83 9.89 10.17
CA SER B 155 18.57 9.61 10.84
C SER B 155 18.04 8.27 10.36
N GLN B 156 17.33 7.59 11.25
CA GLN B 156 16.71 6.30 10.94
C GLN B 156 15.26 6.32 11.39
N GLU B 157 14.39 5.81 10.52
CA GLU B 157 12.95 5.77 10.78
C GLU B 157 12.52 4.35 11.13
N SER B 158 11.46 4.27 11.93
CA SER B 158 10.85 2.99 12.30
C SER B 158 9.36 3.19 12.42
N VAL B 159 8.59 2.31 11.79
CA VAL B 159 7.13 2.42 11.73
C VAL B 159 6.53 1.16 12.35
N THR B 160 5.61 1.34 13.28
CA THR B 160 4.91 0.22 13.89
C THR B 160 3.91 -0.39 12.91
N GLU B 161 3.51 -1.61 13.20
CA GLU B 161 2.42 -2.22 12.47
C GLU B 161 1.11 -1.52 12.83
N GLN B 162 0.10 -1.73 11.99
CA GLN B 162 -1.20 -1.13 12.22
C GLN B 162 -1.74 -1.54 13.58
N ASP B 163 -2.22 -0.55 14.34
CA ASP B 163 -2.66 -0.79 15.70
C ASP B 163 -3.89 -1.69 15.74
N SER B 164 -3.93 -2.59 16.72
CA SER B 164 -5.00 -3.56 16.82
C SER B 164 -6.32 -2.96 17.27
N LYS B 165 -6.34 -1.69 17.67
CA LYS B 165 -7.57 -1.07 18.17
C LYS B 165 -8.07 0.06 17.27
N ASP B 166 -7.25 1.07 16.98
CA ASP B 166 -7.69 2.18 16.16
C ASP B 166 -7.14 2.14 14.73
N SER B 167 -6.39 1.09 14.37
CA SER B 167 -5.93 0.86 13.01
C SER B 167 -5.01 1.97 12.50
N THR B 168 -4.35 2.70 13.39
CA THR B 168 -3.42 3.74 13.00
C THR B 168 -1.99 3.22 13.02
N TYR B 169 -1.09 4.00 12.44
CA TYR B 169 0.34 3.74 12.48
C TYR B 169 1.02 4.75 13.39
N SER B 170 2.24 4.40 13.80
CA SER B 170 3.11 5.34 14.52
C SER B 170 4.50 5.24 13.93
N LEU B 171 5.20 6.38 13.90
CA LEU B 171 6.53 6.47 13.31
C LEU B 171 7.48 7.15 14.29
N SER B 172 8.73 6.75 14.24
CA SER B 172 9.79 7.37 15.04
C SER B 172 10.97 7.67 14.13
N SER B 173 11.52 8.88 14.24
CA SER B 173 12.72 9.26 13.53
C SER B 173 13.79 9.61 14.56
N THR B 174 14.95 8.98 14.45
CA THR B 174 16.03 9.14 15.42
C THR B 174 17.24 9.75 14.71
N LEU B 175 17.52 11.01 15.03
CA LEU B 175 18.71 11.70 14.55
C LEU B 175 19.86 11.40 15.51
N THR B 176 20.93 10.82 15.00
CA THR B 176 22.07 10.44 15.82
C THR B 176 23.25 11.36 15.50
N LEU B 177 23.77 12.01 16.53
CA LEU B 177 24.91 12.90 16.41
C LEU B 177 25.90 12.58 17.51
N SER B 178 27.15 12.96 17.28
CA SER B 178 28.14 12.91 18.34
C SER B 178 27.82 13.97 19.39
N LYS B 179 28.38 13.76 20.60
CA LYS B 179 28.17 14.73 21.67
C LYS B 179 28.69 16.11 21.28
N ALA B 180 29.87 16.17 20.65
CA ALA B 180 30.45 17.44 20.27
C ALA B 180 29.57 18.16 19.24
N ASP B 181 29.08 17.43 18.24
CA ASP B 181 28.21 18.05 17.24
C ASP B 181 26.91 18.53 17.85
N TYR B 182 26.34 17.76 18.79
CA TYR B 182 25.08 18.18 19.40
C TYR B 182 25.23 19.48 20.17
N GLU B 183 26.32 19.62 20.94
CA GLU B 183 26.58 20.87 21.65
C GLU B 183 27.10 21.96 20.73
N LYS B 184 27.38 21.64 19.46
CA LYS B 184 27.84 22.63 18.49
C LYS B 184 26.70 23.37 17.82
N HIS B 185 25.45 22.99 18.09
CA HIS B 185 24.29 23.59 17.43
C HIS B 185 23.18 23.79 18.45
N LYS B 186 22.20 24.62 18.08
CA LYS B 186 21.19 25.09 19.02
C LYS B 186 19.78 24.60 18.68
N VAL B 187 19.33 24.77 17.45
CA VAL B 187 17.95 24.50 17.06
C VAL B 187 17.87 23.11 16.43
N TYR B 188 16.98 22.27 16.96
CA TYR B 188 16.78 20.92 16.45
C TYR B 188 15.31 20.76 16.10
N ALA B 189 15.03 20.68 14.79
CA ALA B 189 13.68 20.70 14.27
C ALA B 189 13.37 19.38 13.56
N CYS B 190 12.14 18.93 13.73
CA CYS B 190 11.61 17.75 13.04
C CYS B 190 10.45 18.20 12.18
N GLU B 191 10.56 18.01 10.87
CA GLU B 191 9.56 18.47 9.92
C GLU B 191 8.82 17.27 9.34
N VAL B 192 7.50 17.26 9.51
CA VAL B 192 6.64 16.14 9.11
C VAL B 192 5.67 16.64 8.06
N THR B 193 5.74 16.06 6.86
CA THR B 193 4.83 16.45 5.79
C THR B 193 3.92 15.29 5.40
N SER B 198 2.07 19.95 6.38
CA SER B 198 3.43 20.01 6.91
C SER B 198 3.48 20.75 8.25
N VAL B 199 3.99 20.07 9.28
CA VAL B 199 4.05 20.59 10.64
C VAL B 199 5.49 20.47 11.15
N THR B 200 5.86 21.33 12.08
CA THR B 200 7.21 21.38 12.62
C THR B 200 7.16 21.33 14.14
N LYS B 201 8.04 20.51 14.72
CA LYS B 201 8.26 20.46 16.16
C LYS B 201 9.76 20.60 16.42
N SER B 202 10.12 21.57 17.26
CA SER B 202 11.53 21.86 17.46
C SER B 202 11.77 22.28 18.91
N PHE B 203 13.03 22.19 19.32
CA PHE B 203 13.46 22.62 20.64
C PHE B 203 14.83 23.28 20.55
N ASN B 204 15.20 23.99 21.60
CA ASN B 204 16.53 24.58 21.75
C ASN B 204 17.32 23.78 22.77
N ARG B 205 18.60 23.53 22.45
CA ARG B 205 19.40 22.60 23.24
C ARG B 205 19.53 23.05 24.69
N GLY B 206 19.78 24.34 24.91
CA GLY B 206 19.99 24.82 26.27
C GLY B 206 18.73 24.86 27.12
N GLU B 207 17.56 24.88 26.48
CA GLU B 207 16.30 24.97 27.21
C GLU B 207 15.71 23.59 27.49
N GLN C 1 -23.23 -0.25 -34.95
CA GLN C 1 -22.22 0.41 -34.12
C GLN C 1 -22.87 1.38 -33.13
N VAL C 2 -23.02 0.96 -31.88
CA VAL C 2 -23.65 1.79 -30.86
C VAL C 2 -22.63 2.78 -30.33
N GLN C 3 -22.94 4.08 -30.45
CA GLN C 3 -22.04 5.15 -30.09
C GLN C 3 -22.71 6.08 -29.09
N VAL C 4 -21.95 6.50 -28.08
CA VAL C 4 -22.44 7.45 -27.08
C VAL C 4 -21.37 8.49 -26.83
N VAL C 5 -21.53 9.68 -27.42
CA VAL C 5 -20.52 10.72 -27.41
C VAL C 5 -21.06 11.92 -26.63
N GLN C 6 -20.25 12.45 -25.73
CA GLN C 6 -20.63 13.57 -24.87
C GLN C 6 -19.88 14.83 -25.25
N SER C 7 -20.30 15.94 -24.64
CA SER C 7 -19.70 17.24 -24.88
C SER C 7 -18.35 17.36 -24.17
N GLY C 8 -17.59 18.37 -24.57
CA GLY C 8 -16.25 18.54 -24.08
C GLY C 8 -16.20 19.04 -22.64
N ALA C 9 -14.97 19.09 -22.11
CA ALA C 9 -14.76 19.48 -20.72
C ALA C 9 -15.20 20.93 -20.50
N GLU C 10 -15.76 21.18 -19.33
CA GLU C 10 -16.28 22.50 -18.98
C GLU C 10 -15.72 22.94 -17.63
N VAL C 11 -15.50 24.24 -17.49
CA VAL C 11 -15.16 24.86 -16.22
C VAL C 11 -16.20 25.93 -15.92
N LYS C 12 -16.80 25.87 -14.74
CA LYS C 12 -17.86 26.78 -14.35
C LYS C 12 -17.56 27.35 -12.98
N LYS C 13 -17.94 28.61 -12.77
CA LYS C 13 -17.73 29.27 -11.50
C LYS C 13 -18.79 28.83 -10.49
N PRO C 14 -18.50 28.96 -9.19
CA PRO C 14 -19.49 28.55 -8.18
C PRO C 14 -20.79 29.33 -8.33
N GLY C 15 -21.89 28.62 -8.13
CA GLY C 15 -23.21 29.22 -8.27
C GLY C 15 -23.73 29.30 -9.68
N ALA C 16 -22.95 28.87 -10.67
CA ALA C 16 -23.38 28.86 -12.06
C ALA C 16 -24.01 27.52 -12.39
N SER C 17 -24.20 27.25 -13.68
CA SER C 17 -24.80 25.99 -14.14
C SER C 17 -23.99 25.43 -15.30
N VAL C 18 -24.07 24.11 -15.47
CA VAL C 18 -23.42 23.42 -16.57
C VAL C 18 -24.44 22.54 -17.27
N LYS C 19 -24.37 22.51 -18.60
CA LYS C 19 -25.22 21.65 -19.41
C LYS C 19 -24.34 20.71 -20.24
N VAL C 20 -24.58 19.41 -20.12
CA VAL C 20 -23.78 18.38 -20.75
C VAL C 20 -24.66 17.60 -21.72
N SER C 21 -24.19 17.46 -22.95
CA SER C 21 -24.94 16.77 -23.99
C SER C 21 -24.45 15.33 -24.14
N CYS C 22 -25.32 14.49 -24.70
CA CYS C 22 -25.04 13.06 -24.83
C CYS C 22 -25.75 12.56 -26.09
N LYS C 23 -25.01 12.46 -27.19
CA LYS C 23 -25.58 12.03 -28.45
C LYS C 23 -25.40 10.53 -28.62
N ALA C 24 -26.50 9.83 -28.92
CA ALA C 24 -26.49 8.40 -29.15
C ALA C 24 -26.80 8.10 -30.60
N SER C 25 -26.07 7.15 -31.18
CA SER C 25 -26.28 6.72 -32.55
C SER C 25 -26.11 5.22 -32.63
N GLY C 26 -26.50 4.65 -33.77
CA GLY C 26 -26.39 3.22 -33.98
C GLY C 26 -27.52 2.41 -33.42
N TYR C 27 -28.57 3.04 -32.89
CA TYR C 27 -29.73 2.33 -32.38
C TYR C 27 -30.90 3.31 -32.31
N THR C 28 -32.07 2.78 -31.97
CA THR C 28 -33.27 3.59 -31.85
C THR C 28 -33.21 4.37 -30.54
N PHE C 29 -33.06 5.70 -30.64
CA PHE C 29 -32.81 6.52 -29.47
C PHE C 29 -33.93 6.44 -28.45
N THR C 30 -35.18 6.34 -28.91
CA THR C 30 -36.32 6.35 -28.01
C THR C 30 -36.63 4.98 -27.41
N ASP C 31 -35.89 3.93 -27.77
CA ASP C 31 -36.13 2.60 -27.23
C ASP C 31 -35.38 2.32 -25.94
N HIS C 32 -34.49 3.22 -25.51
CA HIS C 32 -33.68 3.02 -24.31
C HIS C 32 -33.70 4.26 -23.44
N TYR C 33 -33.79 4.04 -22.14
CA TYR C 33 -33.62 5.13 -21.19
C TYR C 33 -32.18 5.64 -21.24
N ILE C 34 -32.00 6.88 -20.78
CA ILE C 34 -30.67 7.48 -20.66
C ILE C 34 -30.47 7.88 -19.22
N HIS C 35 -29.48 7.26 -18.57
CA HIS C 35 -29.14 7.58 -17.19
C HIS C 35 -27.91 8.47 -17.14
N TRP C 36 -27.68 9.06 -15.98
CA TRP C 36 -26.49 9.87 -15.74
C TRP C 36 -25.84 9.44 -14.43
N VAL C 37 -24.54 9.18 -14.49
CA VAL C 37 -23.76 8.78 -13.33
C VAL C 37 -22.49 9.61 -13.31
N ARG C 38 -22.24 10.29 -12.19
CA ARG C 38 -21.06 11.13 -12.04
C ARG C 38 -20.07 10.46 -11.09
N GLN C 39 -18.85 11.02 -11.06
CA GLN C 39 -17.77 10.43 -10.29
C GLN C 39 -16.80 11.52 -9.87
N ALA C 40 -16.81 11.84 -8.57
CA ALA C 40 -15.86 12.81 -8.04
C ALA C 40 -14.44 12.27 -8.19
N PRO C 41 -13.44 13.15 -8.31
CA PRO C 41 -12.06 12.67 -8.54
C PRO C 41 -11.59 11.73 -7.44
N GLY C 42 -11.21 10.52 -7.86
CA GLY C 42 -10.73 9.52 -6.94
C GLY C 42 -11.80 8.84 -6.10
N GLN C 43 -13.07 9.07 -6.38
CA GLN C 43 -14.17 8.52 -5.61
C GLN C 43 -14.98 7.55 -6.48
N GLY C 44 -16.08 7.06 -5.92
CA GLY C 44 -16.92 6.09 -6.57
C GLY C 44 -17.94 6.71 -7.51
N LEU C 45 -18.81 5.86 -8.04
CA LEU C 45 -19.84 6.26 -8.98
C LEU C 45 -21.12 6.59 -8.24
N GLU C 46 -21.79 7.66 -8.67
CA GLU C 46 -23.02 8.13 -8.04
C GLU C 46 -24.10 8.30 -9.10
N TRP C 47 -25.19 7.57 -8.94
CA TRP C 47 -26.32 7.67 -9.86
C TRP C 47 -27.06 8.99 -9.65
N MET C 48 -27.37 9.67 -10.75
CA MET C 48 -28.03 10.97 -10.68
C MET C 48 -29.50 10.92 -11.09
N GLY C 49 -29.83 10.22 -12.17
CA GLY C 49 -31.20 10.16 -12.62
C GLY C 49 -31.27 9.52 -14.00
N TRP C 50 -32.50 9.42 -14.49
CA TRP C 50 -32.74 8.94 -15.85
C TRP C 50 -33.83 9.77 -16.52
N ILE C 51 -33.87 9.67 -17.84
CA ILE C 51 -34.92 10.29 -18.65
C ILE C 51 -35.33 9.29 -19.73
N ASN C 52 -36.64 9.21 -19.97
CA ASN C 52 -37.16 8.41 -21.07
C ASN C 52 -37.19 9.27 -22.32
N PRO C 53 -36.38 8.99 -23.34
CA PRO C 53 -36.39 9.84 -24.54
C PRO C 53 -37.71 9.85 -25.27
N TYR C 54 -38.55 8.84 -25.05
CA TYR C 54 -39.84 8.77 -25.74
C TYR C 54 -40.74 9.94 -25.38
N ARG C 55 -41.13 10.04 -24.11
CA ARG C 55 -42.06 11.07 -23.67
C ARG C 55 -41.41 12.14 -22.80
N GLY C 56 -40.14 11.98 -22.42
CA GLY C 56 -39.45 12.98 -21.64
C GLY C 56 -39.61 12.86 -20.13
N GLY C 57 -40.24 11.80 -19.63
CA GLY C 57 -40.36 11.63 -18.20
C GLY C 57 -39.01 11.45 -17.54
N THR C 58 -38.91 11.92 -16.30
CA THR C 58 -37.65 11.94 -15.57
C THR C 58 -37.83 11.38 -14.17
N ASN C 59 -36.71 10.97 -13.58
CA ASN C 59 -36.66 10.57 -12.18
C ASN C 59 -35.28 10.92 -11.65
N TYR C 60 -35.22 11.78 -10.64
CA TYR C 60 -33.96 12.29 -10.11
C TYR C 60 -33.72 11.74 -8.72
N ALA C 61 -32.44 11.58 -8.37
CA ALA C 61 -32.08 11.20 -7.02
C ALA C 61 -32.41 12.34 -6.05
N GLN C 62 -32.52 11.99 -4.77
CA GLN C 62 -32.98 12.95 -3.78
C GLN C 62 -32.03 14.13 -3.66
N LYS C 63 -30.72 13.88 -3.63
CA LYS C 63 -29.76 14.96 -3.41
C LYS C 63 -29.64 15.89 -4.59
N PHE C 64 -30.21 15.54 -5.75
CA PHE C 64 -30.20 16.42 -6.92
C PHE C 64 -31.58 16.95 -7.26
N GLN C 65 -32.63 16.54 -6.55
CA GLN C 65 -33.98 16.99 -6.86
C GLN C 65 -34.09 18.50 -6.69
N GLY C 66 -34.69 19.15 -7.68
CA GLY C 66 -34.79 20.60 -7.68
C GLY C 66 -33.53 21.32 -8.12
N ARG C 67 -32.45 20.60 -8.38
CA ARG C 67 -31.19 21.19 -8.79
C ARG C 67 -30.67 20.66 -10.12
N VAL C 68 -31.23 19.56 -10.63
CA VAL C 68 -30.83 18.96 -11.89
C VAL C 68 -32.03 18.95 -12.83
N THR C 69 -31.76 19.16 -14.12
CA THR C 69 -32.79 19.16 -15.15
C THR C 69 -32.29 18.32 -16.32
N MET C 70 -33.01 17.25 -16.64
CA MET C 70 -32.66 16.36 -17.73
C MET C 70 -33.68 16.51 -18.85
N THR C 71 -33.20 16.82 -20.05
CA THR C 71 -34.04 17.02 -21.22
C THR C 71 -33.49 16.17 -22.37
N ARG C 72 -34.23 16.11 -23.47
CA ARG C 72 -33.75 15.39 -24.64
C ARG C 72 -34.29 16.06 -25.91
N ASP C 73 -33.52 15.93 -26.99
CA ASP C 73 -33.90 16.38 -28.32
C ASP C 73 -33.86 15.15 -29.22
N THR C 74 -35.02 14.53 -29.43
CA THR C 74 -35.08 13.29 -30.20
C THR C 74 -34.74 13.50 -31.67
N SER C 75 -34.89 14.72 -32.19
CA SER C 75 -34.60 14.95 -33.60
C SER C 75 -33.11 14.76 -33.92
N ILE C 76 -32.24 14.93 -32.92
CA ILE C 76 -30.81 14.70 -33.09
C ILE C 76 -30.30 13.63 -32.14
N ASN C 77 -31.20 12.92 -31.45
CA ASN C 77 -30.84 11.81 -30.58
C ASN C 77 -29.81 12.23 -29.52
N THR C 78 -30.10 13.31 -28.82
CA THR C 78 -29.21 13.87 -27.82
C THR C 78 -29.96 14.08 -26.51
N ALA C 79 -29.32 13.72 -25.40
CA ALA C 79 -29.86 13.95 -24.06
C ALA C 79 -28.99 14.96 -23.32
N TYR C 80 -29.63 15.80 -22.52
CA TYR C 80 -28.94 16.89 -21.82
C TYR C 80 -29.13 16.75 -20.31
N MET C 81 -28.04 17.01 -19.57
CA MET C 81 -28.07 17.11 -18.12
C MET C 81 -27.64 18.51 -17.74
N GLU C 82 -28.49 19.22 -17.01
CA GLU C 82 -28.17 20.57 -16.55
C GLU C 82 -28.18 20.57 -15.02
N LEU C 83 -27.03 20.87 -14.43
CA LEU C 83 -26.89 20.98 -12.98
C LEU C 83 -26.67 22.45 -12.65
N SER C 84 -27.57 23.01 -11.84
CA SER C 84 -27.54 24.42 -11.49
C SER C 84 -27.00 24.62 -10.08
N ARG C 85 -26.61 25.86 -9.80
CA ARG C 85 -26.09 26.26 -8.49
C ARG C 85 -24.95 25.34 -8.05
N LEU C 86 -23.91 25.32 -8.87
CA LEU C 86 -22.80 24.40 -8.68
C LEU C 86 -21.98 24.76 -7.45
N ARG C 87 -21.66 23.76 -6.64
CA ARG C 87 -20.76 23.92 -5.51
C ARG C 87 -19.45 23.19 -5.79
N PHE C 88 -18.50 23.34 -4.87
CA PHE C 88 -17.17 22.80 -5.10
C PHE C 88 -17.16 21.28 -5.14
N ASP C 89 -18.03 20.63 -4.36
CA ASP C 89 -18.10 19.17 -4.39
C ASP C 89 -18.82 18.63 -5.62
N ASP C 90 -19.38 19.49 -6.46
CA ASP C 90 -19.95 19.06 -7.74
C ASP C 90 -18.88 18.76 -8.79
N THR C 91 -17.62 19.10 -8.53
CA THR C 91 -16.55 18.81 -9.48
C THR C 91 -16.42 17.31 -9.67
N ALA C 92 -16.72 16.82 -10.87
CA ALA C 92 -16.74 15.39 -11.13
C ALA C 92 -16.75 15.17 -12.64
N VAL C 93 -16.46 13.93 -13.03
CA VAL C 93 -16.65 13.48 -14.40
C VAL C 93 -18.07 12.96 -14.53
N TYR C 94 -18.82 13.52 -15.47
CA TYR C 94 -20.23 13.19 -15.65
C TYR C 94 -20.38 12.25 -16.85
N TYR C 95 -20.97 11.09 -16.60
CA TYR C 95 -21.23 10.11 -17.65
C TYR C 95 -22.71 10.03 -17.94
N CYS C 96 -23.04 9.69 -19.18
CA CYS C 96 -24.36 9.23 -19.56
C CYS C 96 -24.27 7.75 -19.91
N ALA C 97 -25.29 6.99 -19.54
CA ALA C 97 -25.28 5.55 -19.70
C ALA C 97 -26.60 5.08 -20.31
N ARG C 98 -26.54 3.93 -20.97
CA ARG C 98 -27.69 3.31 -21.60
C ARG C 98 -27.86 1.90 -21.05
N PRO C 99 -29.02 1.55 -20.51
CA PRO C 99 -29.23 0.19 -20.00
C PRO C 99 -29.54 -0.80 -21.11
N LYS C 100 -29.40 -2.08 -20.76
CA LYS C 100 -29.80 -3.13 -21.67
C LYS C 100 -31.33 -3.26 -21.69
N ASP C 101 -31.84 -3.91 -22.73
CA ASP C 101 -33.25 -4.23 -22.78
C ASP C 101 -33.60 -5.18 -21.63
N CYS C 102 -34.77 -4.98 -21.04
CA CYS C 102 -35.23 -5.84 -19.96
C CYS C 102 -36.75 -5.83 -19.94
N SER C 103 -37.33 -6.97 -19.56
CA SER C 103 -38.78 -7.11 -19.56
C SER C 103 -39.42 -6.53 -18.30
N GLY C 104 -38.64 -6.28 -17.25
CA GLY C 104 -39.16 -5.77 -16.00
C GLY C 104 -39.37 -4.28 -15.91
N GLY C 105 -39.03 -3.55 -16.96
CA GLY C 105 -39.16 -2.09 -16.96
C GLY C 105 -38.04 -1.33 -16.26
N SER C 106 -37.64 -1.79 -15.07
CA SER C 106 -36.57 -1.15 -14.32
C SER C 106 -35.21 -1.68 -14.80
N CYS C 107 -34.85 -1.27 -16.02
CA CYS C 107 -33.58 -1.69 -16.62
C CYS C 107 -32.47 -0.77 -16.12
N TYR C 108 -31.55 -1.32 -15.32
CA TYR C 108 -30.49 -0.54 -14.71
C TYR C 108 -29.11 -1.13 -14.93
N ASP C 109 -28.95 -2.09 -15.84
CA ASP C 109 -27.64 -2.63 -16.19
C ASP C 109 -27.12 -1.92 -17.43
N PHE C 110 -26.16 -1.03 -17.23
CA PHE C 110 -25.70 -0.12 -18.27
C PHE C 110 -24.64 -0.80 -19.13
N ASP C 111 -24.91 -0.92 -20.44
CA ASP C 111 -24.01 -1.60 -21.35
C ASP C 111 -23.26 -0.65 -22.28
N TYR C 112 -23.68 0.60 -22.40
CA TYR C 112 -22.98 1.57 -23.24
C TYR C 112 -22.88 2.89 -22.50
N TRP C 113 -21.64 3.30 -22.21
CA TRP C 113 -21.36 4.55 -21.52
C TRP C 113 -20.75 5.55 -22.49
N GLY C 114 -20.90 6.84 -22.15
CA GLY C 114 -20.15 7.86 -22.85
C GLY C 114 -18.73 7.95 -22.36
N GLN C 115 -17.93 8.77 -23.05
CA GLN C 115 -16.54 8.96 -22.66
C GLN C 115 -16.40 9.80 -21.41
N GLY C 116 -17.47 10.40 -20.92
CA GLY C 116 -17.39 11.23 -19.74
C GLY C 116 -17.12 12.69 -20.07
N THR C 117 -17.57 13.56 -19.17
CA THR C 117 -17.37 15.00 -19.32
C THR C 117 -16.91 15.57 -17.99
N LEU C 118 -15.65 15.98 -17.93
CA LEU C 118 -15.13 16.58 -16.71
C LEU C 118 -15.71 17.97 -16.51
N VAL C 119 -16.30 18.22 -15.35
CA VAL C 119 -16.82 19.52 -14.98
C VAL C 119 -16.06 19.98 -13.74
N THR C 120 -15.34 21.09 -13.86
CA THR C 120 -14.56 21.65 -12.78
C THR C 120 -15.23 22.92 -12.28
N VAL C 121 -15.55 22.95 -11.00
CA VAL C 121 -16.11 24.14 -10.35
C VAL C 121 -14.96 24.88 -9.68
N SER C 122 -14.67 26.09 -10.16
CA SER C 122 -13.55 26.87 -9.66
C SER C 122 -13.71 28.32 -10.08
N SER C 123 -13.29 29.24 -9.20
CA SER C 123 -13.30 30.65 -9.52
C SER C 123 -12.07 31.09 -10.30
N ALA C 124 -11.06 30.22 -10.41
CA ALA C 124 -9.86 30.56 -11.17
C ALA C 124 -10.18 30.65 -12.65
N SER C 125 -9.54 31.59 -13.33
CA SER C 125 -9.71 31.75 -14.76
C SER C 125 -8.96 30.66 -15.52
N THR C 126 -9.52 30.25 -16.65
CA THR C 126 -8.87 29.25 -17.48
C THR C 126 -7.66 29.86 -18.18
N LYS C 127 -6.67 29.02 -18.44
CA LYS C 127 -5.42 29.46 -19.04
C LYS C 127 -4.83 28.33 -19.87
N GLY C 128 -4.33 28.67 -21.05
CA GLY C 128 -3.72 27.71 -21.93
C GLY C 128 -2.35 27.28 -21.45
N PRO C 129 -1.93 26.09 -21.86
CA PRO C 129 -0.63 25.57 -21.42
C PRO C 129 0.53 26.10 -22.26
N SER C 130 1.72 26.03 -21.65
CA SER C 130 2.98 26.26 -22.35
C SER C 130 3.70 24.94 -22.49
N VAL C 131 4.12 24.62 -23.71
CA VAL C 131 4.76 23.34 -24.02
C VAL C 131 6.23 23.60 -24.31
N PHE C 132 7.11 22.88 -23.60
CA PHE C 132 8.55 22.95 -23.80
C PHE C 132 9.08 21.56 -24.06
N PRO C 133 10.05 21.42 -24.96
CA PRO C 133 10.58 20.09 -25.30
C PRO C 133 11.44 19.53 -24.18
N LEU C 134 11.54 18.20 -24.17
CA LEU C 134 12.48 17.44 -23.33
C LEU C 134 13.42 16.73 -24.29
N ALA C 135 14.49 17.41 -24.67
CA ALA C 135 15.36 16.92 -25.74
C ALA C 135 16.07 15.64 -25.32
N PRO C 136 16.25 14.69 -26.23
CA PRO C 136 16.96 13.46 -25.88
C PRO C 136 18.43 13.72 -25.60
N SER C 137 19.00 12.88 -24.73
CA SER C 137 20.37 13.04 -24.30
C SER C 137 21.36 12.78 -25.43
N SER C 138 22.49 13.48 -25.39
CA SER C 138 23.54 13.32 -26.38
C SER C 138 24.64 12.38 -25.86
N SER C 142 24.10 4.17 -28.91
CA SER C 142 24.43 3.23 -29.97
C SER C 142 23.49 2.02 -29.96
N GLY C 143 22.41 2.10 -30.74
CA GLY C 143 21.47 1.00 -30.81
C GLY C 143 20.71 0.73 -29.53
N GLY C 144 20.68 1.69 -28.62
N GLY C 144 20.67 1.68 -28.62
CA GLY C 144 20.00 1.55 -27.36
CA GLY C 144 20.00 1.55 -27.34
C GLY C 144 18.66 2.26 -27.33
C GLY C 144 18.65 2.24 -27.33
N THR C 145 18.26 2.71 -26.15
CA THR C 145 17.00 3.40 -25.95
C THR C 145 17.27 4.84 -25.54
N ALA C 146 16.60 5.78 -26.20
CA ALA C 146 16.66 7.19 -25.87
C ALA C 146 15.30 7.66 -25.41
N ALA C 147 15.29 8.62 -24.48
CA ALA C 147 14.05 9.15 -23.92
C ALA C 147 13.88 10.61 -24.33
N LEU C 148 12.65 10.99 -24.63
CA LEU C 148 12.31 12.36 -24.99
C LEU C 148 10.85 12.60 -24.63
N GLY C 149 10.47 13.87 -24.55
CA GLY C 149 9.10 14.16 -24.20
C GLY C 149 8.77 15.64 -24.33
N CYS C 150 7.61 16.00 -23.77
CA CYS C 150 7.12 17.36 -23.76
C CYS C 150 6.66 17.72 -22.36
N LEU C 151 6.92 18.97 -21.96
CA LEU C 151 6.51 19.49 -20.66
C LEU C 151 5.36 20.47 -20.89
N VAL C 152 4.17 20.07 -20.45
CA VAL C 152 2.96 20.88 -20.59
C VAL C 152 2.72 21.53 -19.23
N LYS C 153 3.04 22.81 -19.12
CA LYS C 153 3.09 23.49 -17.84
C LYS C 153 2.17 24.71 -17.83
N ASP C 154 1.62 24.99 -16.63
CA ASP C 154 0.88 26.22 -16.34
C ASP C 154 -0.40 26.32 -17.18
N TYR C 155 -1.29 25.37 -16.99
CA TYR C 155 -2.61 25.40 -17.59
C TYR C 155 -3.67 25.16 -16.53
N PHE C 156 -4.89 25.62 -16.83
CA PHE C 156 -6.03 25.41 -15.95
C PHE C 156 -7.30 25.55 -16.77
N PRO C 157 -8.30 24.71 -16.54
CA PRO C 157 -8.34 23.56 -15.63
C PRO C 157 -7.97 22.27 -16.35
N GLU C 158 -8.18 21.13 -15.69
CA GLU C 158 -8.01 19.85 -16.34
C GLU C 158 -9.08 19.66 -17.41
N PRO C 159 -8.84 18.79 -18.39
CA PRO C 159 -7.62 18.04 -18.64
C PRO C 159 -6.87 18.52 -19.88
N VAL C 160 -5.70 17.95 -20.14
CA VAL C 160 -5.02 18.08 -21.42
C VAL C 160 -4.73 16.67 -21.93
N THR C 161 -4.70 16.55 -23.26
CA THR C 161 -4.37 15.29 -23.91
C THR C 161 -3.09 15.48 -24.71
N VAL C 162 -2.22 14.48 -24.66
CA VAL C 162 -0.98 14.46 -25.42
C VAL C 162 -0.93 13.20 -26.26
N SER C 163 -0.70 13.38 -27.55
CA SER C 163 -0.42 12.27 -28.47
C SER C 163 0.92 12.53 -29.15
N TRP C 164 1.39 11.54 -29.90
CA TRP C 164 2.68 11.63 -30.56
C TRP C 164 2.52 11.21 -32.01
N ASN C 165 3.07 12.03 -32.92
CA ASN C 165 2.98 11.80 -34.36
C ASN C 165 1.53 11.62 -34.81
N SER C 166 0.64 12.45 -34.25
CA SER C 166 -0.79 12.41 -34.56
C SER C 166 -1.38 11.03 -34.30
N GLY C 167 -0.90 10.37 -33.25
CA GLY C 167 -1.36 9.03 -32.91
C GLY C 167 -0.60 7.90 -33.56
N ALA C 168 0.36 8.20 -34.43
CA ALA C 168 1.15 7.13 -35.06
C ALA C 168 2.02 6.40 -34.04
N LEU C 169 2.62 7.15 -33.12
CA LEU C 169 3.51 6.57 -32.10
C LEU C 169 2.72 6.41 -30.81
N THR C 170 2.52 5.16 -30.41
CA THR C 170 1.76 4.86 -29.20
C THR C 170 2.50 3.97 -28.22
N SER C 171 3.32 3.03 -28.71
CA SER C 171 4.02 2.11 -27.83
C SER C 171 5.19 2.82 -27.15
N GLY C 172 5.35 2.58 -25.85
CA GLY C 172 6.39 3.21 -25.08
C GLY C 172 6.06 4.60 -24.59
N VAL C 173 4.83 5.07 -24.77
CA VAL C 173 4.45 6.42 -24.38
C VAL C 173 3.92 6.42 -22.96
N HIS C 174 4.42 7.33 -22.14
CA HIS C 174 3.96 7.52 -20.76
C HIS C 174 3.58 8.99 -20.59
N THR C 175 2.27 9.25 -20.52
CA THR C 175 1.75 10.58 -20.22
C THR C 175 1.34 10.60 -18.76
N PHE C 176 2.03 11.42 -17.96
CA PHE C 176 1.84 11.40 -16.52
C PHE C 176 0.58 12.15 -16.11
N PRO C 177 -0.06 11.73 -15.02
CA PRO C 177 -1.17 12.52 -14.47
C PRO C 177 -0.70 13.91 -14.05
N ALA C 178 -1.59 14.88 -14.21
CA ALA C 178 -1.27 16.26 -13.87
C ALA C 178 -1.05 16.41 -12.37
N VAL C 179 -0.19 17.35 -12.00
CA VAL C 179 0.09 17.69 -10.61
C VAL C 179 -0.27 19.15 -10.40
N LEU C 180 -0.99 19.43 -9.32
CA LEU C 180 -1.38 20.80 -8.98
C LEU C 180 -0.18 21.52 -8.36
N GLN C 181 0.25 22.59 -9.00
CA GLN C 181 1.41 23.33 -8.52
C GLN C 181 0.98 24.34 -7.46
N SER C 182 1.98 24.95 -6.82
CA SER C 182 1.72 25.92 -5.76
C SER C 182 0.92 27.11 -6.26
N SER C 183 1.03 27.43 -7.55
CA SER C 183 0.36 28.59 -8.12
C SER C 183 -1.09 28.31 -8.50
N GLY C 184 -1.58 27.09 -8.30
CA GLY C 184 -2.92 26.74 -8.72
C GLY C 184 -3.04 26.33 -10.17
N LEU C 185 -1.92 26.22 -10.89
CA LEU C 185 -1.90 25.78 -12.27
C LEU C 185 -1.39 24.35 -12.35
N TYR C 186 -1.99 23.56 -13.24
CA TYR C 186 -1.58 22.17 -13.41
C TYR C 186 -0.36 22.07 -14.32
N SER C 187 0.29 20.91 -14.26
CA SER C 187 1.45 20.64 -15.10
C SER C 187 1.65 19.14 -15.20
N LEU C 188 2.05 18.68 -16.37
CA LEU C 188 2.36 17.27 -16.59
C LEU C 188 3.42 17.16 -17.67
N SER C 189 4.02 15.98 -17.76
CA SER C 189 4.97 15.65 -18.82
C SER C 189 4.52 14.39 -19.52
N SER C 190 4.79 14.32 -20.82
CA SER C 190 4.52 13.14 -21.62
C SER C 190 5.80 12.72 -22.31
N VAL C 191 6.29 11.52 -21.99
CA VAL C 191 7.57 11.04 -22.49
C VAL C 191 7.33 9.78 -23.31
N VAL C 192 8.35 9.42 -24.09
CA VAL C 192 8.33 8.21 -24.90
C VAL C 192 9.76 7.73 -25.10
N THR C 193 9.96 6.42 -25.00
CA THR C 193 11.25 5.80 -25.27
C THR C 193 11.28 5.30 -26.70
N VAL C 194 12.32 5.69 -27.43
CA VAL C 194 12.47 5.34 -28.84
C VAL C 194 13.89 4.84 -29.07
N PRO C 195 14.11 4.08 -30.15
CA PRO C 195 15.49 3.66 -30.47
C PRO C 195 16.39 4.86 -30.67
N SER C 196 17.64 4.74 -30.22
CA SER C 196 18.59 5.82 -30.37
C SER C 196 18.95 6.08 -31.83
N SER C 197 18.86 5.05 -32.67
CA SER C 197 19.24 5.19 -34.07
C SER C 197 18.29 6.08 -34.86
N SER C 198 17.07 6.28 -34.37
CA SER C 198 16.07 7.06 -35.10
C SER C 198 16.07 8.53 -34.74
N LEU C 199 16.97 8.96 -33.84
CA LEU C 199 16.95 10.35 -33.39
C LEU C 199 17.27 11.31 -34.53
N GLY C 200 18.24 10.97 -35.36
CA GLY C 200 18.61 11.81 -36.48
C GLY C 200 17.82 11.62 -37.76
N THR C 201 16.89 10.68 -37.79
CA THR C 201 16.14 10.38 -39.00
C THR C 201 14.65 10.60 -38.86
N GLN C 202 14.03 10.07 -37.80
CA GLN C 202 12.58 10.17 -37.62
C GLN C 202 12.25 11.36 -36.73
N THR C 203 11.36 12.22 -37.22
CA THR C 203 10.91 13.36 -36.43
C THR C 203 9.90 12.92 -35.39
N TYR C 204 9.91 13.61 -34.25
CA TYR C 204 8.98 13.34 -33.16
C TYR C 204 8.27 14.63 -32.80
N ILE C 205 6.95 14.64 -32.87
CA ILE C 205 6.13 15.80 -32.58
C ILE C 205 5.05 15.40 -31.58
N CYS C 206 4.93 16.16 -30.49
CA CYS C 206 3.89 15.93 -29.50
C CYS C 206 2.72 16.87 -29.79
N ASN C 207 1.51 16.31 -29.76
CA ASN C 207 0.28 17.05 -30.05
C ASN C 207 -0.45 17.28 -28.73
N VAL C 208 -0.48 18.54 -28.29
CA VAL C 208 -1.01 18.92 -26.99
C VAL C 208 -2.33 19.66 -27.20
N ASN C 209 -3.40 19.14 -26.61
CA ASN C 209 -4.72 19.74 -26.71
C ASN C 209 -5.22 20.13 -25.32
N HIS C 210 -5.73 21.35 -25.19
CA HIS C 210 -6.36 21.84 -23.97
C HIS C 210 -7.71 22.43 -24.37
N LYS C 211 -8.74 21.58 -24.38
CA LYS C 211 -10.07 22.02 -24.80
C LYS C 211 -10.61 23.21 -24.01
N PRO C 212 -10.50 23.29 -22.68
CA PRO C 212 -11.13 24.41 -21.97
C PRO C 212 -10.69 25.78 -22.44
N SER C 213 -9.46 25.94 -22.92
CA SER C 213 -8.98 27.20 -23.45
C SER C 213 -8.90 27.22 -24.96
N ASN C 214 -9.36 26.15 -25.63
CA ASN C 214 -9.29 26.02 -27.09
C ASN C 214 -7.87 26.26 -27.60
N THR C 215 -6.92 25.55 -27.01
CA THR C 215 -5.50 25.69 -27.32
C THR C 215 -4.98 24.40 -27.94
N LYS C 216 -4.29 24.55 -29.07
CA LYS C 216 -3.62 23.42 -29.73
C LYS C 216 -2.18 23.81 -29.97
N VAL C 217 -1.24 22.99 -29.48
CA VAL C 217 0.19 23.24 -29.62
C VAL C 217 0.82 21.98 -30.19
N ASP C 218 1.58 22.13 -31.27
CA ASP C 218 2.38 21.06 -31.85
C ASP C 218 3.84 21.43 -31.67
N LYS C 219 4.55 20.67 -30.83
CA LYS C 219 5.95 20.92 -30.55
C LYS C 219 6.80 19.80 -31.11
N ARG C 220 7.78 20.16 -31.94
CA ARG C 220 8.69 19.21 -32.56
C ARG C 220 9.93 19.06 -31.69
N VAL C 221 10.14 17.87 -31.14
CA VAL C 221 11.19 17.62 -30.17
C VAL C 221 12.43 17.12 -30.91
N GLU C 222 13.55 17.83 -30.73
CA GLU C 222 14.79 17.57 -31.43
C GLU C 222 15.93 17.43 -30.43
N PRO C 223 16.98 16.67 -30.77
CA PRO C 223 18.16 16.48 -29.90
C PRO C 223 18.83 17.78 -29.46
N ASN D 1 -32.28 4.15 0.40
CA ASN D 1 -33.00 2.93 0.06
C ASN D 1 -32.10 1.69 0.20
N ILE D 2 -31.48 1.28 -0.90
CA ILE D 2 -30.62 0.09 -0.92
C ILE D 2 -29.17 0.53 -0.68
N GLN D 3 -28.51 -0.14 0.26
CA GLN D 3 -27.10 0.10 0.56
C GLN D 3 -26.27 -1.10 0.15
N MET D 4 -25.10 -0.84 -0.43
CA MET D 4 -24.20 -1.87 -0.91
C MET D 4 -22.89 -1.81 -0.12
N THR D 5 -22.42 -2.97 0.32
CA THR D 5 -21.16 -3.10 1.04
C THR D 5 -20.23 -3.98 0.19
N GLN D 6 -19.28 -3.35 -0.48
CA GLN D 6 -18.34 -4.04 -1.34
C GLN D 6 -17.00 -4.17 -0.64
N SER D 7 -16.41 -5.36 -0.69
CA SER D 7 -15.15 -5.66 -0.04
C SER D 7 -14.30 -6.53 -0.96
N PRO D 8 -12.97 -6.39 -0.92
CA PRO D 8 -12.18 -5.44 -0.13
C PRO D 8 -12.10 -4.08 -0.81
N SER D 9 -11.62 -3.05 -0.10
CA SER D 9 -11.37 -1.77 -0.75
C SER D 9 -10.29 -1.88 -1.82
N SER D 10 -9.23 -2.65 -1.53
CA SER D 10 -8.13 -2.82 -2.47
C SER D 10 -7.51 -4.19 -2.26
N LEU D 11 -6.87 -4.70 -3.32
CA LEU D 11 -6.15 -5.95 -3.21
C LEU D 11 -5.02 -5.97 -4.24
N SER D 12 -4.03 -6.82 -3.97
CA SER D 12 -2.89 -7.02 -4.87
C SER D 12 -2.74 -8.52 -5.09
N ALA D 13 -2.61 -8.93 -6.36
CA ALA D 13 -2.52 -10.34 -6.71
C ALA D 13 -1.56 -10.51 -7.88
N SER D 14 -1.06 -11.73 -8.04
CA SER D 14 -0.13 -12.03 -9.11
C SER D 14 -0.87 -12.45 -10.38
N VAL D 15 -0.14 -12.48 -11.48
CA VAL D 15 -0.71 -12.91 -12.75
C VAL D 15 -1.02 -14.40 -12.68
N GLY D 16 -2.27 -14.75 -12.98
CA GLY D 16 -2.74 -16.10 -12.91
C GLY D 16 -3.49 -16.46 -11.65
N ASP D 17 -3.43 -15.61 -10.62
CA ASP D 17 -4.09 -15.90 -9.35
C ASP D 17 -5.59 -15.63 -9.45
N ARG D 18 -6.33 -16.14 -8.46
CA ARG D 18 -7.77 -15.99 -8.41
C ARG D 18 -8.13 -14.75 -7.58
N VAL D 19 -8.99 -13.91 -8.15
CA VAL D 19 -9.41 -12.67 -7.51
C VAL D 19 -10.88 -12.82 -7.11
N THR D 20 -11.18 -12.57 -5.84
CA THR D 20 -12.52 -12.71 -5.30
C THR D 20 -12.97 -11.38 -4.73
N ILE D 21 -14.18 -10.94 -5.09
CA ILE D 21 -14.76 -9.69 -4.64
C ILE D 21 -16.20 -9.97 -4.20
N THR D 22 -16.59 -9.42 -3.04
CA THR D 22 -17.92 -9.65 -2.51
C THR D 22 -18.71 -8.35 -2.46
N CYS D 23 -20.03 -8.49 -2.41
CA CYS D 23 -20.93 -7.35 -2.38
C CYS D 23 -22.18 -7.78 -1.63
N GLN D 24 -22.45 -7.15 -0.48
CA GLN D 24 -23.61 -7.46 0.34
C GLN D 24 -24.65 -6.36 0.20
N ALA D 25 -25.90 -6.74 -0.01
CA ALA D 25 -27.00 -5.81 -0.19
C ALA D 25 -27.82 -5.70 1.09
N SER D 26 -28.28 -4.48 1.39
CA SER D 26 -29.07 -4.25 2.59
C SER D 26 -30.47 -4.82 2.49
N GLN D 27 -30.90 -5.28 1.31
CA GLN D 27 -32.21 -5.89 1.15
C GLN D 27 -32.15 -6.93 0.04
N ASP D 28 -33.15 -7.80 0.01
CA ASP D 28 -33.28 -8.83 -1.01
C ASP D 28 -33.47 -8.19 -2.37
N ILE D 29 -32.48 -8.31 -3.25
CA ILE D 29 -32.54 -7.76 -4.59
C ILE D 29 -32.60 -8.86 -5.65
N SER D 30 -32.87 -10.09 -5.25
CA SER D 30 -32.98 -11.26 -6.14
C SER D 30 -31.66 -11.39 -6.89
N ASN D 31 -31.64 -11.32 -8.22
CA ASN D 31 -30.41 -11.44 -8.99
C ASN D 31 -30.10 -10.18 -9.79
N TYR D 32 -30.64 -9.03 -9.38
CA TYR D 32 -30.52 -7.80 -10.15
C TYR D 32 -29.31 -6.98 -9.68
N LEU D 33 -28.13 -7.59 -9.85
CA LEU D 33 -26.86 -6.96 -9.52
C LEU D 33 -25.95 -6.99 -10.73
N ASN D 34 -25.14 -5.95 -10.88
CA ASN D 34 -24.26 -5.81 -12.04
C ASN D 34 -22.84 -5.51 -11.58
N TRP D 35 -21.87 -6.00 -12.36
CA TRP D 35 -20.45 -5.81 -12.07
C TRP D 35 -19.81 -5.04 -13.22
N TYR D 36 -19.02 -4.02 -12.87
CA TYR D 36 -18.37 -3.16 -13.83
C TYR D 36 -16.87 -3.16 -13.61
N GLN D 37 -16.14 -2.85 -14.68
CA GLN D 37 -14.70 -2.69 -14.65
C GLN D 37 -14.36 -1.30 -15.18
N GLN D 38 -13.71 -0.48 -14.36
CA GLN D 38 -13.34 0.87 -14.75
C GLN D 38 -11.82 0.99 -14.69
N LYS D 39 -11.20 1.03 -15.86
CA LYS D 39 -9.77 1.32 -15.93
C LYS D 39 -9.54 2.82 -15.84
N PRO D 40 -8.37 3.24 -15.38
CA PRO D 40 -8.15 4.68 -15.12
C PRO D 40 -8.39 5.53 -16.36
N GLY D 41 -9.11 6.64 -16.17
CA GLY D 41 -9.41 7.55 -17.25
C GLY D 41 -10.47 7.08 -18.22
N LYS D 42 -11.13 5.96 -17.94
CA LYS D 42 -12.11 5.39 -18.84
C LYS D 42 -13.46 5.26 -18.14
N ALA D 43 -14.50 5.13 -18.96
CA ALA D 43 -15.82 4.89 -18.41
C ALA D 43 -15.95 3.45 -17.93
N PRO D 44 -16.82 3.19 -16.95
CA PRO D 44 -17.04 1.82 -16.50
C PRO D 44 -17.56 0.94 -17.62
N LYS D 45 -17.10 -0.30 -17.64
CA LYS D 45 -17.49 -1.28 -18.65
C LYS D 45 -18.25 -2.42 -17.98
N LEU D 46 -19.44 -2.73 -18.50
CA LEU D 46 -20.25 -3.79 -17.92
C LEU D 46 -19.61 -5.14 -18.18
N LEU D 47 -19.45 -5.94 -17.13
CA LEU D 47 -18.90 -7.29 -17.22
C LEU D 47 -19.94 -8.37 -16.93
N ILE D 48 -20.65 -8.25 -15.83
CA ILE D 48 -21.66 -9.22 -15.42
C ILE D 48 -22.98 -8.49 -15.23
N TYR D 49 -24.03 -8.98 -15.88
CA TYR D 49 -25.37 -8.43 -15.73
C TYR D 49 -26.29 -9.52 -15.20
N ASP D 50 -27.27 -9.11 -14.39
CA ASP D 50 -28.17 -10.02 -13.70
C ASP D 50 -27.39 -11.01 -12.82
N ALA D 51 -26.22 -10.57 -12.36
CA ALA D 51 -25.45 -11.18 -11.28
C ALA D 51 -24.78 -12.49 -11.64
N SER D 52 -25.03 -12.99 -12.84
CA SER D 52 -24.53 -14.29 -13.27
C SER D 52 -24.15 -14.35 -14.74
N ASN D 53 -24.70 -13.48 -15.58
CA ASN D 53 -24.56 -13.61 -17.02
C ASN D 53 -23.40 -12.76 -17.52
N LEU D 54 -22.58 -13.36 -18.38
CA LEU D 54 -21.52 -12.62 -19.03
C LEU D 54 -22.09 -11.65 -20.06
N GLU D 55 -21.63 -10.42 -20.01
CA GLU D 55 -22.00 -9.43 -21.02
C GLU D 55 -21.39 -9.81 -22.37
N THR D 56 -22.01 -9.33 -23.44
CA THR D 56 -21.56 -9.65 -24.78
C THR D 56 -20.09 -9.31 -24.97
N GLY D 57 -19.31 -10.29 -25.42
CA GLY D 57 -17.90 -10.09 -25.67
C GLY D 57 -17.02 -10.10 -24.44
N VAL D 58 -17.57 -10.38 -23.26
CA VAL D 58 -16.77 -10.38 -22.04
C VAL D 58 -16.07 -11.73 -21.90
N PRO D 59 -14.76 -11.75 -21.64
CA PRO D 59 -14.04 -13.03 -21.55
C PRO D 59 -14.56 -13.90 -20.41
N SER D 60 -14.36 -15.21 -20.57
CA SER D 60 -14.95 -16.19 -19.66
C SER D 60 -14.25 -16.26 -18.31
N ARG D 61 -13.10 -15.60 -18.13
CA ARG D 61 -12.46 -15.61 -16.83
C ARG D 61 -13.21 -14.77 -15.81
N PHE D 62 -14.10 -13.89 -16.27
CA PHE D 62 -14.95 -13.12 -15.38
C PHE D 62 -16.25 -13.86 -15.13
N SER D 63 -16.70 -13.89 -13.88
CA SER D 63 -17.93 -14.57 -13.53
C SER D 63 -18.55 -13.92 -12.30
N GLY D 64 -19.84 -14.16 -12.13
CA GLY D 64 -20.55 -13.69 -10.95
C GLY D 64 -21.52 -14.74 -10.48
N SER D 65 -21.77 -14.73 -9.17
CA SER D 65 -22.66 -15.70 -8.56
C SER D 65 -23.35 -15.05 -7.37
N GLY D 66 -24.27 -15.78 -6.76
CA GLY D 66 -24.97 -15.29 -5.59
C GLY D 66 -26.37 -14.81 -5.93
N SER D 67 -27.26 -14.91 -4.95
CA SER D 67 -28.63 -14.45 -5.09
C SER D 67 -29.12 -13.97 -3.75
N GLY D 68 -30.08 -13.04 -3.77
CA GLY D 68 -30.62 -12.50 -2.54
C GLY D 68 -29.86 -11.29 -2.04
N THR D 69 -28.96 -11.50 -1.09
CA THR D 69 -28.21 -10.41 -0.48
C THR D 69 -26.70 -10.60 -0.50
N HIS D 70 -26.19 -11.76 -0.92
CA HIS D 70 -24.75 -12.02 -0.96
C HIS D 70 -24.34 -12.35 -2.39
N PHE D 71 -23.33 -11.64 -2.90
CA PHE D 71 -22.91 -11.78 -4.28
C PHE D 71 -21.39 -11.81 -4.35
N THR D 72 -20.88 -12.48 -5.39
CA THR D 72 -19.44 -12.66 -5.56
C THR D 72 -19.06 -12.44 -7.02
N PHE D 73 -17.96 -11.72 -7.22
CA PHE D 73 -17.37 -11.49 -8.53
C PHE D 73 -15.99 -12.12 -8.54
N THR D 74 -15.71 -12.94 -9.55
CA THR D 74 -14.48 -13.72 -9.60
C THR D 74 -13.75 -13.49 -10.90
N ILE D 75 -12.43 -13.33 -10.81
CA ILE D 75 -11.53 -13.46 -11.95
C ILE D 75 -10.79 -14.77 -11.74
N SER D 76 -11.05 -15.75 -12.62
CA SER D 76 -10.50 -17.09 -12.41
C SER D 76 -8.98 -17.07 -12.41
N ARG D 77 -8.38 -16.46 -13.44
CA ARG D 77 -6.94 -16.30 -13.52
C ARG D 77 -6.65 -14.87 -13.96
N LEU D 78 -6.05 -14.09 -13.09
CA LEU D 78 -5.81 -12.67 -13.36
C LEU D 78 -4.85 -12.51 -14.53
N GLN D 79 -5.08 -11.47 -15.33
CA GLN D 79 -4.26 -11.16 -16.48
C GLN D 79 -3.78 -9.73 -16.39
N PRO D 80 -2.63 -9.40 -17.01
CA PRO D 80 -2.02 -8.09 -16.76
C PRO D 80 -2.92 -6.91 -17.06
N GLU D 81 -3.78 -7.00 -18.07
CA GLU D 81 -4.61 -5.88 -18.47
C GLU D 81 -5.86 -5.74 -17.62
N ASP D 82 -6.04 -6.56 -16.59
CA ASP D 82 -7.20 -6.49 -15.71
C ASP D 82 -7.02 -5.47 -14.60
N ILE D 83 -5.94 -4.70 -14.61
CA ILE D 83 -5.75 -3.62 -13.66
C ILE D 83 -6.87 -2.61 -13.83
N ALA D 84 -7.70 -2.46 -12.81
CA ALA D 84 -8.83 -1.54 -12.86
C ALA D 84 -9.46 -1.47 -11.47
N THR D 85 -10.51 -0.68 -11.36
CA THR D 85 -11.37 -0.63 -10.19
C THR D 85 -12.72 -1.22 -10.56
N TYR D 86 -13.20 -2.18 -9.77
CA TYR D 86 -14.43 -2.88 -10.05
C TYR D 86 -15.54 -2.45 -9.10
N TYR D 87 -16.77 -2.41 -9.62
CA TYR D 87 -17.93 -1.95 -8.86
C TYR D 87 -19.08 -2.93 -9.00
N CYS D 88 -19.77 -3.21 -7.90
CA CYS D 88 -21.10 -3.78 -7.99
C CYS D 88 -22.14 -2.65 -8.03
N GLN D 89 -23.36 -3.00 -8.45
CA GLN D 89 -24.39 -1.99 -8.61
C GLN D 89 -25.77 -2.65 -8.68
N VAL D 90 -26.71 -2.09 -7.93
CA VAL D 90 -28.13 -2.46 -8.05
C VAL D 90 -28.94 -1.17 -8.19
N TYR D 91 -29.74 -1.10 -9.26
CA TYR D 91 -30.62 0.04 -9.50
C TYR D 91 -29.86 1.36 -9.41
N GLU D 92 -30.07 2.12 -8.34
CA GLU D 92 -29.49 3.45 -8.18
C GLU D 92 -28.26 3.48 -7.27
N THR D 93 -27.76 2.31 -6.85
CA THR D 93 -26.71 2.23 -5.85
C THR D 93 -25.48 1.55 -6.43
N PHE D 94 -24.32 2.19 -6.25
CA PHE D 94 -23.04 1.61 -6.64
C PHE D 94 -22.25 1.24 -5.39
N GLY D 95 -21.51 0.14 -5.47
CA GLY D 95 -20.64 -0.25 -4.38
C GLY D 95 -19.44 0.67 -4.26
N GLN D 96 -18.74 0.54 -3.14
CA GLN D 96 -17.63 1.44 -2.82
C GLN D 96 -16.43 1.24 -3.75
N GLY D 97 -16.38 0.16 -4.51
CA GLY D 97 -15.29 -0.08 -5.44
C GLY D 97 -14.21 -0.98 -4.85
N THR D 98 -13.48 -1.63 -5.75
CA THR D 98 -12.35 -2.49 -5.39
C THR D 98 -11.26 -2.27 -6.42
N LYS D 99 -10.14 -1.69 -6.00
CA LYS D 99 -9.00 -1.51 -6.89
C LYS D 99 -8.16 -2.79 -6.87
N VAL D 100 -7.99 -3.39 -8.05
CA VAL D 100 -7.23 -4.62 -8.20
C VAL D 100 -5.87 -4.27 -8.80
N GLU D 101 -4.80 -4.63 -8.10
CA GLU D 101 -3.45 -4.32 -8.53
C GLU D 101 -2.66 -5.62 -8.65
N ILE D 102 -1.55 -5.55 -9.38
CA ILE D 102 -0.75 -6.73 -9.71
C ILE D 102 0.58 -6.68 -8.97
N LYS D 103 0.91 -7.79 -8.32
CA LYS D 103 2.22 -7.99 -7.73
C LYS D 103 3.10 -8.75 -8.73
N ARG D 104 4.29 -8.21 -9.00
CA ARG D 104 5.21 -8.82 -9.95
C ARG D 104 6.63 -8.75 -9.39
N THR D 105 7.58 -9.24 -10.19
CA THR D 105 8.97 -9.25 -9.77
C THR D 105 9.56 -7.85 -9.81
N VAL D 106 10.70 -7.69 -9.13
CA VAL D 106 11.36 -6.39 -9.09
C VAL D 106 11.92 -6.07 -10.48
N ALA D 107 11.64 -4.85 -10.95
CA ALA D 107 12.15 -4.36 -12.22
C ALA D 107 12.87 -3.06 -11.98
N ALA D 108 14.14 -3.00 -12.36
CA ALA D 108 14.93 -1.80 -12.16
C ALA D 108 14.49 -0.72 -13.14
N PRO D 109 14.40 0.54 -12.70
CA PRO D 109 14.06 1.62 -13.62
C PRO D 109 15.23 2.01 -14.51
N SER D 110 14.87 2.58 -15.67
CA SER D 110 15.83 3.30 -16.51
C SER D 110 15.66 4.78 -16.23
N VAL D 111 16.76 5.47 -15.96
CA VAL D 111 16.74 6.84 -15.45
C VAL D 111 17.23 7.78 -16.54
N PHE D 112 16.49 8.88 -16.74
CA PHE D 112 16.86 9.94 -17.66
C PHE D 112 16.66 11.29 -16.97
N ILE D 113 17.55 12.24 -17.24
CA ILE D 113 17.46 13.58 -16.68
C ILE D 113 17.43 14.57 -17.83
N PHE D 114 16.48 15.50 -17.79
CA PHE D 114 16.30 16.48 -18.86
C PHE D 114 16.51 17.88 -18.30
N PRO D 115 17.48 18.63 -18.80
CA PRO D 115 17.64 20.02 -18.39
C PRO D 115 16.49 20.87 -18.91
N PRO D 116 16.25 22.03 -18.31
CA PRO D 116 15.21 22.91 -18.86
C PRO D 116 15.55 23.37 -20.27
N SER D 117 14.51 23.55 -21.07
CA SER D 117 14.69 24.09 -22.40
C SER D 117 15.09 25.56 -22.33
N ASP D 118 15.85 26.02 -23.32
CA ASP D 118 16.19 27.43 -23.40
C ASP D 118 14.94 28.30 -23.59
N GLU D 119 13.91 27.74 -24.25
CA GLU D 119 12.67 28.47 -24.42
C GLU D 119 12.03 28.78 -23.07
N GLN D 120 12.02 27.81 -22.15
CA GLN D 120 11.46 28.05 -20.83
C GLN D 120 12.31 29.03 -20.03
N LEU D 121 13.63 29.02 -20.23
CA LEU D 121 14.50 29.93 -19.49
C LEU D 121 14.20 31.39 -19.83
N LYS D 122 13.68 31.65 -21.02
CA LYS D 122 13.31 33.03 -21.38
C LYS D 122 12.17 33.55 -20.52
N SER D 123 11.31 32.67 -20.02
CA SER D 123 10.16 33.10 -19.23
C SER D 123 10.50 33.34 -17.77
N GLY D 124 11.70 32.97 -17.32
CA GLY D 124 12.13 33.24 -15.96
C GLY D 124 12.05 32.07 -15.01
N THR D 125 11.66 30.89 -15.49
CA THR D 125 11.57 29.70 -14.65
C THR D 125 12.28 28.55 -15.34
N ALA D 126 12.84 27.65 -14.54
CA ALA D 126 13.55 26.47 -15.03
C ALA D 126 12.94 25.22 -14.42
N SER D 127 12.52 24.29 -15.28
CA SER D 127 12.03 22.99 -14.85
C SER D 127 12.98 21.92 -15.36
N VAL D 128 13.53 21.12 -14.46
CA VAL D 128 14.37 19.98 -14.79
C VAL D 128 13.67 18.74 -14.29
N VAL D 129 13.56 17.72 -15.15
CA VAL D 129 12.72 16.56 -14.88
C VAL D 129 13.58 15.31 -14.88
N CYS D 130 13.35 14.45 -13.89
CA CYS D 130 13.97 13.14 -13.79
C CYS D 130 12.91 12.10 -14.13
N LEU D 131 13.27 11.14 -14.98
CA LEU D 131 12.35 10.12 -15.45
C LEU D 131 12.78 8.76 -14.96
N LEU D 132 11.85 8.04 -14.31
CA LEU D 132 11.99 6.63 -13.96
C LEU D 132 11.00 5.86 -14.83
N ASN D 133 11.51 4.91 -15.62
CA ASN D 133 10.72 4.27 -16.67
C ASN D 133 10.56 2.78 -16.38
N ASN D 134 9.31 2.35 -16.18
CA ASN D 134 8.92 0.94 -16.15
C ASN D 134 9.68 0.16 -15.08
N PHE D 135 9.40 0.52 -13.83
CA PHE D 135 10.01 -0.12 -12.67
C PHE D 135 8.94 -0.74 -11.78
N TYR D 136 9.38 -1.63 -10.89
CA TYR D 136 8.53 -2.24 -9.87
C TYR D 136 9.42 -2.62 -8.69
N PRO D 137 8.95 -2.42 -7.44
CA PRO D 137 7.65 -1.92 -7.00
C PRO D 137 7.49 -0.40 -7.13
N ARG D 138 6.33 0.10 -6.75
CA ARG D 138 6.02 1.51 -6.91
C ARG D 138 6.81 2.40 -5.96
N GLU D 139 7.38 1.83 -4.90
CA GLU D 139 8.16 2.61 -3.94
C GLU D 139 9.55 2.86 -4.50
N ALA D 140 9.87 4.12 -4.74
CA ALA D 140 11.19 4.52 -5.21
C ALA D 140 11.63 5.76 -4.44
N LYS D 141 12.95 5.92 -4.33
CA LYS D 141 13.54 7.09 -3.67
C LYS D 141 14.22 7.94 -4.73
N VAL D 142 13.75 9.18 -4.89
CA VAL D 142 14.31 10.13 -5.83
C VAL D 142 14.73 11.36 -5.04
N GLN D 143 16.01 11.69 -5.09
CA GLN D 143 16.55 12.86 -4.41
C GLN D 143 17.29 13.74 -5.40
N TRP D 144 17.07 15.04 -5.31
CA TRP D 144 17.73 16.02 -6.17
C TRP D 144 18.96 16.56 -5.48
N LYS D 145 20.08 16.58 -6.20
CA LYS D 145 21.33 17.15 -5.72
C LYS D 145 21.77 18.24 -6.68
N VAL D 146 21.89 19.45 -6.17
CA VAL D 146 22.34 20.61 -6.94
C VAL D 146 23.72 21.00 -6.41
N ASP D 147 24.75 20.80 -7.23
CA ASP D 147 26.14 20.91 -6.80
C ASP D 147 26.37 20.05 -5.55
N ASN D 148 25.79 18.85 -5.56
CA ASN D 148 25.93 17.86 -4.48
C ASN D 148 25.28 18.34 -3.19
N ALA D 149 24.14 19.04 -3.31
CA ALA D 149 23.39 19.51 -2.16
C ALA D 149 21.94 19.08 -2.30
N LEU D 150 21.38 18.49 -1.24
CA LEU D 150 20.01 18.00 -1.28
C LEU D 150 19.02 19.16 -1.29
N GLN D 151 17.94 19.00 -2.06
CA GLN D 151 16.96 20.08 -2.25
C GLN D 151 15.78 19.95 -1.28
N SER D 152 15.01 18.87 -1.41
CA SER D 152 14.01 18.48 -0.41
C SER D 152 13.00 19.61 -0.13
N GLY D 153 12.11 19.81 -1.09
CA GLY D 153 11.03 20.76 -0.91
C GLY D 153 10.66 21.59 -2.12
N ASN D 154 11.43 21.50 -3.20
CA ASN D 154 11.15 22.24 -4.42
C ASN D 154 10.99 21.31 -5.61
N SER D 155 10.43 20.13 -5.37
CA SER D 155 10.17 19.17 -6.44
C SER D 155 8.80 18.55 -6.23
N GLN D 156 8.22 18.07 -7.33
CA GLN D 156 6.94 17.37 -7.30
C GLN D 156 7.04 16.10 -8.13
N GLU D 157 6.41 15.03 -7.66
CA GLU D 157 6.45 13.74 -8.32
C GLU D 157 5.10 13.40 -8.95
N SER D 158 5.15 12.53 -9.95
CA SER D 158 3.95 12.04 -10.62
C SER D 158 4.22 10.60 -11.06
N VAL D 159 3.28 9.70 -10.76
CA VAL D 159 3.42 8.29 -11.07
C VAL D 159 2.26 7.86 -11.95
N THR D 160 2.59 7.19 -13.05
CA THR D 160 1.58 6.68 -13.96
C THR D 160 0.82 5.53 -13.31
N GLU D 161 -0.32 5.20 -13.90
CA GLU D 161 -1.05 4.01 -13.49
C GLU D 161 -0.26 2.76 -13.88
N GLN D 162 -0.57 1.66 -13.20
CA GLN D 162 0.13 0.41 -13.46
C GLN D 162 -0.09 -0.02 -14.90
N ASP D 163 1.00 -0.40 -15.57
CA ASP D 163 0.94 -0.69 -16.99
C ASP D 163 0.17 -1.97 -17.26
N SER D 164 -0.70 -1.92 -18.28
CA SER D 164 -1.56 -3.06 -18.59
C SER D 164 -0.81 -4.22 -19.22
N LYS D 165 0.45 -4.03 -19.63
CA LYS D 165 1.20 -5.04 -20.32
C LYS D 165 2.27 -5.69 -19.45
N ASP D 166 3.16 -4.91 -18.85
CA ASP D 166 4.23 -5.45 -18.01
C ASP D 166 4.04 -5.16 -16.53
N SER D 167 2.94 -4.49 -16.16
CA SER D 167 2.58 -4.25 -14.75
C SER D 167 3.64 -3.44 -14.01
N THR D 168 4.32 -2.54 -14.72
CA THR D 168 5.29 -1.65 -14.10
C THR D 168 4.71 -0.24 -13.99
N TYR D 169 5.43 0.59 -13.24
CA TYR D 169 5.08 1.98 -13.04
C TYR D 169 6.16 2.87 -13.65
N SER D 170 5.80 4.12 -13.91
CA SER D 170 6.75 5.13 -14.36
C SER D 170 6.54 6.39 -13.53
N LEU D 171 7.64 7.02 -13.14
CA LEU D 171 7.61 8.17 -12.25
C LEU D 171 8.39 9.33 -12.86
N SER D 172 7.90 10.55 -12.62
CA SER D 172 8.59 11.76 -13.02
C SER D 172 8.73 12.67 -11.81
N SER D 173 9.92 13.22 -11.62
CA SER D 173 10.17 14.22 -10.58
C SER D 173 10.58 15.52 -11.27
N THR D 174 9.84 16.59 -11.00
CA THR D 174 10.07 17.89 -11.62
C THR D 174 10.61 18.84 -10.56
N LEU D 175 11.88 19.20 -10.68
CA LEU D 175 12.50 20.18 -9.81
C LEU D 175 12.31 21.57 -10.42
N THR D 176 11.67 22.45 -9.67
CA THR D 176 11.34 23.78 -10.16
C THR D 176 12.21 24.82 -9.45
N LEU D 177 12.94 25.60 -10.24
CA LEU D 177 13.80 26.66 -9.72
C LEU D 177 13.62 27.90 -10.56
N SER D 178 13.94 29.05 -9.96
CA SER D 178 13.93 30.30 -10.72
C SER D 178 15.08 30.30 -11.72
N LYS D 179 14.98 31.21 -12.70
CA LYS D 179 16.06 31.36 -13.66
C LYS D 179 17.36 31.76 -12.98
N ALA D 180 17.28 32.65 -11.99
CA ALA D 180 18.46 33.05 -11.25
C ALA D 180 19.09 31.86 -10.52
N ASP D 181 18.27 31.10 -9.78
CA ASP D 181 18.81 29.98 -9.02
C ASP D 181 19.41 28.92 -9.93
N TYR D 182 18.81 28.71 -11.10
CA TYR D 182 19.32 27.71 -12.04
C TYR D 182 20.69 28.09 -12.57
N GLU D 183 20.89 29.36 -12.91
CA GLU D 183 22.15 29.80 -13.50
C GLU D 183 23.26 29.99 -12.48
N LYS D 184 22.96 29.89 -11.18
CA LYS D 184 23.95 30.01 -10.11
C LYS D 184 24.52 28.68 -9.69
N HIS D 185 24.21 27.59 -10.41
CA HIS D 185 24.73 26.28 -10.09
C HIS D 185 25.03 25.53 -11.39
N LYS D 186 25.86 24.50 -11.29
CA LYS D 186 26.35 23.79 -12.48
C LYS D 186 25.89 22.35 -12.56
N VAL D 187 26.01 21.59 -11.48
CA VAL D 187 25.76 20.14 -11.50
C VAL D 187 24.35 19.89 -11.02
N TYR D 188 23.53 19.27 -11.86
CA TYR D 188 22.17 18.88 -11.51
C TYR D 188 22.04 17.38 -11.69
N ALA D 189 21.63 16.68 -10.62
CA ALA D 189 21.59 15.23 -10.61
C ALA D 189 20.37 14.76 -9.83
N CYS D 190 19.76 13.67 -10.29
CA CYS D 190 18.73 12.97 -9.54
C CYS D 190 19.24 11.59 -9.20
N GLU D 191 19.16 11.23 -7.92
CA GLU D 191 19.61 9.94 -7.41
C GLU D 191 18.41 9.04 -7.21
N VAL D 192 18.45 7.86 -7.82
CA VAL D 192 17.34 6.89 -7.74
C VAL D 192 17.88 5.64 -7.05
N THR D 193 17.24 5.27 -5.95
CA THR D 193 17.64 4.10 -5.18
C THR D 193 16.51 3.08 -5.20
N GLN D 194 16.86 1.84 -5.52
CA GLN D 194 15.92 0.71 -5.45
C GLN D 194 16.68 -0.47 -4.86
N GLY D 195 16.28 -0.89 -3.66
CA GLY D 195 17.00 -1.96 -3.00
C GLY D 195 18.38 -1.52 -2.56
N THR D 196 19.39 -2.32 -2.89
CA THR D 196 20.76 -2.08 -2.45
C THR D 196 21.57 -1.28 -3.45
N THR D 197 20.93 -0.69 -4.47
CA THR D 197 21.65 -0.02 -5.54
C THR D 197 21.06 1.36 -5.78
N SER D 198 21.94 2.31 -6.14
CA SER D 198 21.55 3.66 -6.47
C SER D 198 22.17 4.05 -7.81
N VAL D 199 21.38 4.69 -8.66
CA VAL D 199 21.85 5.17 -9.96
C VAL D 199 21.53 6.66 -10.04
N THR D 200 22.56 7.46 -10.31
CA THR D 200 22.42 8.90 -10.41
C THR D 200 22.71 9.33 -11.84
N LYS D 201 21.78 10.08 -12.43
CA LYS D 201 21.97 10.69 -13.74
C LYS D 201 22.05 12.20 -13.57
N SER D 202 22.98 12.82 -14.28
CA SER D 202 23.31 14.22 -14.06
C SER D 202 23.60 14.91 -15.38
N PHE D 203 23.84 16.22 -15.30
CA PHE D 203 24.33 17.00 -16.43
C PHE D 203 25.01 18.25 -15.88
N ASN D 204 25.86 18.84 -16.70
CA ASN D 204 26.52 20.10 -16.37
C ASN D 204 25.95 21.19 -17.26
N ARG D 205 25.43 22.24 -16.63
CA ARG D 205 24.80 23.33 -17.37
C ARG D 205 25.81 24.07 -18.25
#